data_8X3X
#
_entry.id   8X3X
#
_cell.length_a   97.341
_cell.length_b   110.365
_cell.length_c   112.514
_cell.angle_alpha   90.000
_cell.angle_beta   90.000
_cell.angle_gamma   90.000
#
_symmetry.space_group_name_H-M   'P 2 21 21'
#
loop_
_entity.id
_entity.type
_entity.pdbx_description
1 polymer BbmA
2 non-polymer 'THIAMINE DIPHOSPHATE'
3 non-polymer "ADENOSINE-5'-DIPHOSPHATE"
4 non-polymer '3-(4-HYDROXY-PHENYL)PYRUVIC ACID'
5 non-polymer 'MAGNESIUM ION'
6 water water
#
_entity_poly.entity_id   1
_entity_poly.type   'polypeptide(L)'
_entity_poly.pdbx_seq_one_letter_code
;MGSSKTVTAVELLVRQMEAEGVSYVFGIPGGPLMPLYEAIFSRKKIQPILTKHEEGAAFMAEGYARVSGKLGVCCATTGP
GATNALTGIACAYSDSTPVLLLTAQVGTAAFGKGALQESTVHGVDLVSIFSPITKLSVMIPTAEKMGEMTRRALRTAQSG
RPGPIHLNIPADIAKHPVPLEVFPPMNYRGGKPAPTIMDVVRVAELIFHAKRPAILAGHGIECAKAWEELLDFAELTGIP
VATTPKGKSSFPENHALSLGVFGFAGHQKATDYLLSGDVDVLIVIGSSLGDWQTNSWDPRLTPSVALIQIDIDPMEIGKN
YPVDVGINADASETLKALILCIRSSGKMLKKPALPLETKEQTAFQEIDHGTEGNGIHPAMVVEAMQNRLPADTILFVDNG
SCINWGVHCYLAQTPGAFQIGLGLAAMGHAVAAAIGGKLAAPDRPVVALVGDAAFAMNGMEIHTAAEYKIPVTWIVLNNG
GHGLVHLGEQHQFDSKFDISSFRKSIDFCKMAESLGVKSYRAETVEDFDAALKGALAMNTPCLIDVQVDIDVLPPGMKQR
FDMLNKSYAGERYTAPIGHHHHHH
;
_entity_poly.pdbx_strand_id   A,B
#
# COMPACT_ATOMS: atom_id res chain seq x y z
N SER A 3 18.02 25.25 -32.49
CA SER A 3 18.49 26.44 -31.80
C SER A 3 17.37 27.10 -30.98
N SER A 4 16.23 26.40 -30.89
CA SER A 4 15.03 26.87 -30.21
C SER A 4 15.17 26.71 -28.70
N LYS A 5 14.26 27.31 -27.98
CA LYS A 5 14.26 27.26 -26.56
C LYS A 5 14.07 25.85 -26.01
N THR A 6 14.75 25.55 -24.94
CA THR A 6 14.62 24.28 -24.29
C THR A 6 14.10 24.39 -22.87
N VAL A 7 13.46 23.33 -22.39
CA VAL A 7 13.02 23.24 -21.00
C VAL A 7 13.58 21.93 -20.46
N THR A 8 13.57 21.81 -19.13
CA THR A 8 13.91 20.51 -18.54
C THR A 8 12.87 19.48 -18.96
N ALA A 9 13.30 18.20 -18.99
CA ALA A 9 12.37 17.15 -19.35
C ALA A 9 11.16 17.15 -18.43
N VAL A 10 11.40 17.37 -17.13
CA VAL A 10 10.28 17.30 -16.19
C VAL A 10 9.36 18.51 -16.37
N GLU A 11 9.91 19.69 -16.73
CA GLU A 11 9.03 20.81 -17.04
C GLU A 11 8.23 20.56 -18.33
N LEU A 12 8.80 19.85 -19.30
CA LEU A 12 8.01 19.48 -20.48
C LEU A 12 6.82 18.63 -20.05
N LEU A 13 7.06 17.66 -19.17
CA LEU A 13 5.98 16.80 -18.68
C LEU A 13 4.86 17.62 -18.04
N VAL A 14 5.21 18.58 -17.18
CA VAL A 14 4.21 19.42 -16.54
C VAL A 14 3.41 20.18 -17.60
N ARG A 15 4.11 20.80 -18.55
CA ARG A 15 3.43 21.56 -19.61
C ARG A 15 2.50 20.67 -20.42
N GLN A 16 2.91 19.44 -20.74
CA GLN A 16 2.04 18.55 -21.51
C GLN A 16 0.83 18.15 -20.69
N MET A 17 1.00 17.97 -19.37
CA MET A 17 -0.15 17.71 -18.51
C MET A 17 -1.07 18.93 -18.46
N GLU A 18 -0.50 20.14 -18.46
CA GLU A 18 -1.34 21.33 -18.49
C GLU A 18 -2.25 21.31 -19.70
N ALA A 19 -1.70 20.90 -20.86
CA ALA A 19 -2.50 20.87 -22.07
C ALA A 19 -3.63 19.85 -22.00
N GLU A 20 -3.56 18.87 -21.10
CA GLU A 20 -4.69 17.96 -20.88
C GLU A 20 -5.68 18.48 -19.85
N GLY A 21 -5.48 19.68 -19.31
CA GLY A 21 -6.39 20.21 -18.29
C GLY A 21 -6.17 19.65 -16.90
N VAL A 22 -5.04 18.99 -16.66
CA VAL A 22 -4.75 18.54 -15.30
C VAL A 22 -4.65 19.77 -14.39
N SER A 23 -5.27 19.67 -13.21
CA SER A 23 -5.29 20.78 -12.26
C SER A 23 -4.59 20.48 -10.94
N TYR A 24 -4.42 19.22 -10.58
CA TYR A 24 -3.83 18.85 -9.31
C TYR A 24 -2.89 17.68 -9.53
N VAL A 25 -1.87 17.58 -8.68
CA VAL A 25 -1.04 16.38 -8.59
C VAL A 25 -1.00 15.98 -7.11
N PHE A 26 -1.54 14.82 -6.81
CA PHE A 26 -1.62 14.32 -5.43
C PHE A 26 -0.43 13.42 -5.16
N GLY A 27 0.27 13.65 -4.06
CA GLY A 27 1.36 12.76 -3.74
C GLY A 27 2.16 13.21 -2.54
N ILE A 28 3.31 12.58 -2.39
CA ILE A 28 4.22 12.83 -1.28
C ILE A 28 5.62 12.94 -1.86
N PRO A 29 6.35 13.99 -1.53
CA PRO A 29 7.69 14.18 -2.09
C PRO A 29 8.68 13.13 -1.59
N GLY A 30 9.82 13.13 -2.28
CA GLY A 30 10.96 12.31 -1.96
C GLY A 30 12.13 12.83 -2.75
N GLY A 31 13.34 12.53 -2.27
CA GLY A 31 14.54 13.06 -2.84
C GLY A 31 14.56 13.02 -4.36
N PRO A 32 14.44 11.83 -4.94
CA PRO A 32 14.53 11.71 -6.41
C PRO A 32 13.36 12.36 -7.13
N LEU A 33 12.27 12.65 -6.43
CA LEU A 33 11.10 13.27 -7.04
C LEU A 33 11.15 14.79 -7.00
N MET A 34 12.08 15.39 -6.25
CA MET A 34 12.06 16.84 -6.05
C MET A 34 12.02 17.64 -7.36
N PRO A 35 12.71 17.25 -8.44
CA PRO A 35 12.67 18.08 -9.66
C PRO A 35 11.25 18.25 -10.21
N LEU A 36 10.39 17.24 -10.08
CA LEU A 36 8.99 17.37 -10.49
C LEU A 36 8.29 18.49 -9.72
N TYR A 37 8.47 18.50 -8.39
CA TYR A 37 7.89 19.57 -7.58
C TYR A 37 8.49 20.93 -7.93
N GLU A 38 9.80 20.98 -8.21
CA GLU A 38 10.38 22.24 -8.62
C GLU A 38 9.73 22.76 -9.90
N ALA A 39 9.45 21.86 -10.86
CA ALA A 39 8.83 22.30 -12.09
C ALA A 39 7.40 22.75 -11.84
N ILE A 40 6.65 22.01 -11.02
CA ILE A 40 5.27 22.38 -10.73
C ILE A 40 5.20 23.76 -10.09
N PHE A 41 5.98 23.98 -9.02
CA PHE A 41 5.95 25.30 -8.38
C PHE A 41 6.52 26.37 -9.30
N SER A 42 7.35 25.99 -10.26
CA SER A 42 7.84 26.93 -11.25
C SER A 42 6.72 27.43 -12.16
N ARG A 43 5.79 26.57 -12.54
CA ARG A 43 4.76 26.91 -13.49
C ARG A 43 3.53 27.61 -12.96
N LYS A 44 3.26 27.46 -11.70
CA LYS A 44 2.14 28.10 -11.07
C LYS A 44 0.78 27.96 -11.80
N LYS A 45 0.36 26.74 -12.07
CA LYS A 45 -0.89 26.41 -12.71
C LYS A 45 -1.41 25.12 -12.08
N ILE A 46 -0.76 23.99 -12.29
CA ILE A 46 -1.12 22.76 -11.62
C ILE A 46 -0.79 22.88 -10.13
N GLN A 47 -1.67 22.50 -9.26
CA GLN A 47 -1.37 22.65 -7.84
C GLN A 47 -1.05 21.31 -7.20
N PRO A 48 0.03 21.23 -6.42
CA PRO A 48 0.33 19.98 -5.72
C PRO A 48 -0.48 19.88 -4.42
N ILE A 49 -0.92 18.65 -4.11
CA ILE A 49 -1.64 18.33 -2.89
C ILE A 49 -0.81 17.32 -2.13
N LEU A 50 -0.27 17.71 -0.97
CA LEU A 50 0.46 16.79 -0.10
C LEU A 50 -0.54 15.93 0.68
N THR A 51 -0.47 14.60 0.49
CA THR A 51 -1.34 13.71 1.22
C THR A 51 -0.59 13.08 2.39
N LYS A 52 -1.31 12.25 3.15
CA LYS A 52 -0.72 11.59 4.32
C LYS A 52 -0.11 10.23 3.97
N HIS A 53 -0.60 9.58 2.91
CA HIS A 53 -0.15 8.26 2.50
C HIS A 53 -0.30 8.22 0.97
N GLU A 54 0.65 7.59 0.27
CA GLU A 54 0.55 7.62 -1.19
C GLU A 54 -0.68 6.85 -1.68
N GLU A 55 -1.17 5.92 -0.87
CA GLU A 55 -2.43 5.27 -1.23
C GLU A 55 -3.55 6.30 -1.27
N GLY A 56 -3.55 7.22 -0.29
CA GLY A 56 -4.53 8.29 -0.29
C GLY A 56 -4.42 9.17 -1.52
N ALA A 57 -3.19 9.41 -1.99
CA ALA A 57 -3.00 10.22 -3.21
C ALA A 57 -3.59 9.52 -4.42
N ALA A 58 -3.36 8.19 -4.56
CA ALA A 58 -3.93 7.47 -5.70
C ALA A 58 -5.45 7.47 -5.65
N PHE A 59 -6.04 7.27 -4.46
CA PHE A 59 -7.50 7.33 -4.31
C PHE A 59 -8.03 8.70 -4.71
N MET A 60 -7.37 9.77 -4.25
CA MET A 60 -7.85 11.12 -4.54
C MET A 60 -7.75 11.42 -6.04
N ALA A 61 -6.66 10.97 -6.68
CA ALA A 61 -6.57 11.10 -8.13
C ALA A 61 -7.71 10.35 -8.81
N GLU A 62 -8.02 9.15 -8.31
CA GLU A 62 -9.12 8.37 -8.88
C GLU A 62 -10.46 9.08 -8.68
N GLY A 63 -10.71 9.57 -7.46
CA GLY A 63 -11.96 10.30 -7.23
C GLY A 63 -12.06 11.56 -8.07
N TYR A 64 -10.95 12.31 -8.19
CA TYR A 64 -10.92 13.52 -9.03
C TYR A 64 -11.21 13.18 -10.48
N ALA A 65 -10.59 12.11 -10.98
CA ALA A 65 -10.79 11.72 -12.37
C ALA A 65 -12.24 11.34 -12.63
N ARG A 66 -12.81 10.49 -11.76
CA ARG A 66 -14.18 10.04 -11.99
C ARG A 66 -15.16 11.22 -11.96
N VAL A 67 -14.98 12.17 -11.05
CA VAL A 67 -15.95 13.26 -10.98
C VAL A 67 -15.69 14.27 -12.09
N SER A 68 -14.42 14.56 -12.41
CA SER A 68 -14.14 15.57 -13.43
C SER A 68 -14.41 15.05 -14.82
N GLY A 69 -14.32 13.73 -15.04
CA GLY A 69 -14.24 13.23 -16.40
C GLY A 69 -12.94 13.52 -17.10
N LYS A 70 -11.88 13.83 -16.35
CA LYS A 70 -10.55 14.08 -16.90
C LYS A 70 -9.53 13.12 -16.27
N LEU A 71 -8.27 13.29 -16.67
CA LEU A 71 -7.17 12.52 -16.12
C LEU A 71 -6.90 12.93 -14.67
N GLY A 72 -6.70 11.95 -13.80
CA GLY A 72 -6.21 12.22 -12.45
C GLY A 72 -4.73 11.87 -12.42
N VAL A 73 -3.96 12.63 -11.63
CA VAL A 73 -2.50 12.47 -11.59
C VAL A 73 -2.03 12.38 -10.14
N CYS A 74 -1.23 11.36 -9.82
CA CYS A 74 -0.54 11.33 -8.54
C CYS A 74 0.94 11.05 -8.75
N CYS A 75 1.71 11.19 -7.68
CA CYS A 75 3.15 11.01 -7.82
C CYS A 75 3.70 10.42 -6.53
N ALA A 76 4.76 9.62 -6.67
CA ALA A 76 5.39 8.99 -5.52
C ALA A 76 6.89 8.85 -5.77
N THR A 77 7.65 8.83 -4.68
CA THR A 77 9.11 8.67 -4.79
C THR A 77 9.46 7.22 -5.09
N THR A 78 10.76 6.96 -5.22
CA THR A 78 11.27 5.62 -5.49
C THR A 78 10.79 4.62 -4.44
N GLY A 79 10.87 3.33 -4.77
CA GLY A 79 10.72 2.28 -3.79
C GLY A 79 9.37 2.33 -3.07
N PRO A 80 9.40 2.59 -1.75
CA PRO A 80 8.18 2.41 -0.96
C PRO A 80 7.14 3.51 -1.16
N GLY A 81 7.52 4.69 -1.64
CA GLY A 81 6.53 5.68 -2.02
C GLY A 81 5.62 5.15 -3.11
N ALA A 82 6.23 4.59 -4.17
CA ALA A 82 5.48 3.99 -5.28
C ALA A 82 4.68 2.76 -4.85
N THR A 83 5.28 1.84 -4.08
CA THR A 83 4.52 0.64 -3.71
C THR A 83 3.34 0.99 -2.81
N ASN A 84 3.43 2.08 -2.04
CA ASN A 84 2.28 2.55 -1.26
C ASN A 84 1.10 3.01 -2.13
N ALA A 85 1.34 3.45 -3.36
CA ALA A 85 0.24 3.87 -4.22
C ALA A 85 -0.49 2.72 -4.88
N LEU A 86 0.03 1.50 -4.77
CA LEU A 86 -0.40 0.46 -5.71
C LEU A 86 -1.90 0.17 -5.61
N THR A 87 -2.41 0.03 -4.40
CA THR A 87 -3.82 -0.34 -4.25
C THR A 87 -4.72 0.67 -4.96
N GLY A 88 -4.41 1.97 -4.84
CA GLY A 88 -5.23 2.98 -5.52
C GLY A 88 -5.17 2.84 -7.03
N ILE A 89 -3.99 2.55 -7.56
CA ILE A 89 -3.86 2.33 -8.99
C ILE A 89 -4.59 1.07 -9.41
N ALA A 90 -4.54 0.02 -8.58
CA ALA A 90 -5.29 -1.20 -8.89
C ALA A 90 -6.78 -0.94 -8.93
N CYS A 91 -7.29 -0.06 -8.05
CA CYS A 91 -8.71 0.29 -8.11
C CYS A 91 -9.03 1.06 -9.39
N ALA A 92 -8.17 2.00 -9.80
CA ALA A 92 -8.42 2.72 -11.03
C ALA A 92 -8.45 1.76 -12.21
N TYR A 93 -7.59 0.75 -12.18
CA TYR A 93 -7.55 -0.27 -13.21
C TYR A 93 -8.84 -1.05 -13.26
N SER A 94 -9.34 -1.46 -12.09
CA SER A 94 -10.59 -2.23 -12.03
C SER A 94 -11.80 -1.39 -12.40
N ASP A 95 -11.78 -0.08 -12.16
CA ASP A 95 -12.94 0.77 -12.45
C ASP A 95 -12.82 1.50 -13.78
N SER A 96 -11.75 1.23 -14.55
CA SER A 96 -11.53 1.85 -15.86
C SER A 96 -11.46 3.38 -15.74
N THR A 97 -10.63 3.84 -14.79
CA THR A 97 -10.44 5.25 -14.48
C THR A 97 -9.07 5.72 -14.97
N PRO A 98 -8.99 6.81 -15.71
CA PRO A 98 -7.69 7.25 -16.23
C PRO A 98 -6.89 7.97 -15.14
N VAL A 99 -5.90 7.29 -14.57
CA VAL A 99 -5.05 7.85 -13.52
C VAL A 99 -3.60 7.67 -13.96
N LEU A 100 -2.84 8.75 -13.95
CA LEU A 100 -1.42 8.71 -14.27
C LEU A 100 -0.65 8.77 -12.95
N LEU A 101 0.20 7.77 -12.72
CA LEU A 101 1.09 7.75 -11.57
C LEU A 101 2.49 8.06 -12.05
N LEU A 102 3.07 9.14 -11.55
CA LEU A 102 4.45 9.51 -11.81
C LEU A 102 5.33 9.02 -10.66
N THR A 103 6.32 8.17 -10.95
CA THR A 103 7.25 7.73 -9.90
C THR A 103 8.67 8.13 -10.22
N ALA A 104 9.47 8.31 -9.17
CA ALA A 104 10.88 8.58 -9.36
C ALA A 104 11.64 7.27 -9.51
N GLN A 105 12.84 7.39 -10.07
CA GLN A 105 13.81 6.32 -10.22
C GLN A 105 15.14 6.90 -9.80
N VAL A 106 16.06 6.06 -9.33
CA VAL A 106 17.41 6.56 -9.03
C VAL A 106 18.13 6.96 -10.32
N GLY A 107 19.23 7.70 -10.17
CA GLY A 107 20.03 8.03 -11.35
C GLY A 107 20.62 6.78 -11.99
N THR A 108 20.69 6.80 -13.32
CA THR A 108 21.12 5.62 -14.07
C THR A 108 22.54 5.19 -13.71
N ALA A 109 23.40 6.14 -13.30
CA ALA A 109 24.76 5.76 -12.93
C ALA A 109 24.80 4.83 -11.73
N ALA A 110 23.71 4.74 -10.96
CA ALA A 110 23.66 3.89 -9.78
C ALA A 110 23.01 2.54 -10.05
N PHE A 111 22.52 2.30 -11.27
CA PHE A 111 21.81 1.04 -11.55
C PHE A 111 22.69 -0.16 -11.22
N GLY A 112 22.15 -1.12 -10.47
CA GLY A 112 22.83 -2.35 -10.15
C GLY A 112 23.86 -2.26 -9.07
N LYS A 113 23.99 -1.11 -8.40
CA LYS A 113 25.02 -0.92 -7.37
C LYS A 113 24.47 -0.98 -5.94
N GLY A 114 23.15 -1.16 -5.76
CA GLY A 114 22.54 -1.02 -4.44
C GLY A 114 22.23 0.43 -4.10
N ALA A 115 21.59 1.13 -5.02
CA ALA A 115 21.23 2.51 -4.79
C ALA A 115 20.12 2.60 -3.73
N LEU A 116 20.04 3.75 -3.07
CA LEU A 116 19.01 3.94 -2.05
C LEU A 116 17.61 3.80 -2.70
N GLN A 117 16.78 2.94 -2.13
CA GLN A 117 15.46 2.63 -2.70
C GLN A 117 15.54 2.33 -4.20
N GLU A 118 16.63 1.68 -4.62
CA GLU A 118 16.78 1.33 -6.03
C GLU A 118 15.52 0.63 -6.53
N SER A 119 14.96 1.15 -7.63
CA SER A 119 13.65 0.71 -8.11
C SER A 119 13.73 0.07 -9.49
N THR A 120 14.84 -0.61 -9.78
CA THR A 120 15.08 -1.28 -11.04
C THR A 120 14.89 -2.77 -10.90
N VAL A 121 15.23 -3.49 -11.98
CA VAL A 121 15.23 -4.95 -11.94
C VAL A 121 16.16 -5.44 -10.85
N HIS A 122 17.20 -4.66 -10.52
CA HIS A 122 18.18 -5.08 -9.53
C HIS A 122 17.73 -4.81 -8.10
N GLY A 123 16.70 -3.99 -7.91
CA GLY A 123 16.20 -3.67 -6.59
C GLY A 123 14.74 -4.03 -6.44
N VAL A 124 13.88 -3.02 -6.28
CA VAL A 124 12.44 -3.19 -6.20
C VAL A 124 11.86 -2.67 -7.51
N ASP A 125 11.52 -3.60 -8.41
CA ASP A 125 11.29 -3.32 -9.83
C ASP A 125 9.88 -2.75 -10.03
N LEU A 126 9.74 -1.43 -9.84
CA LEU A 126 8.45 -0.75 -9.94
C LEU A 126 7.77 -0.99 -11.29
N VAL A 127 8.53 -0.91 -12.39
CA VAL A 127 7.89 -1.07 -13.70
C VAL A 127 7.21 -2.43 -13.79
N SER A 128 7.88 -3.46 -13.27
CA SER A 128 7.30 -4.81 -13.30
C SER A 128 6.14 -4.95 -12.33
N ILE A 129 6.27 -4.35 -11.14
CA ILE A 129 5.23 -4.50 -10.12
C ILE A 129 3.92 -3.90 -10.62
N PHE A 130 4.00 -2.78 -11.33
CA PHE A 130 2.81 -2.06 -11.77
C PHE A 130 2.28 -2.58 -13.10
N SER A 131 3.06 -3.37 -13.82
CA SER A 131 2.64 -3.80 -15.15
C SER A 131 1.29 -4.53 -15.13
N PRO A 132 0.98 -5.38 -14.15
CA PRO A 132 -0.32 -6.07 -14.22
C PRO A 132 -1.54 -5.19 -14.03
N ILE A 133 -1.42 -4.02 -13.38
CA ILE A 133 -2.62 -3.23 -13.09
C ILE A 133 -2.53 -1.83 -13.69
N THR A 134 -1.83 -1.71 -14.82
CA THR A 134 -1.84 -0.50 -15.61
C THR A 134 -2.00 -0.89 -17.06
N LYS A 135 -2.51 0.04 -17.88
CA LYS A 135 -2.48 -0.16 -19.33
C LYS A 135 -1.07 -0.01 -19.86
N LEU A 136 -0.22 0.71 -19.16
CA LEU A 136 1.15 0.92 -19.61
C LEU A 136 1.98 1.23 -18.36
N SER A 137 3.11 0.54 -18.22
CA SER A 137 4.09 0.76 -17.16
C SER A 137 5.46 0.84 -17.82
N VAL A 138 6.14 1.99 -17.70
CA VAL A 138 7.34 2.18 -18.50
C VAL A 138 8.24 3.19 -17.83
N MET A 139 9.55 2.96 -17.96
CA MET A 139 10.56 3.91 -17.49
C MET A 139 10.99 4.78 -18.67
N ILE A 140 11.04 6.09 -18.45
CA ILE A 140 11.55 7.01 -19.48
C ILE A 140 13.03 6.69 -19.69
N PRO A 141 13.45 6.27 -20.88
CA PRO A 141 14.84 5.84 -21.05
C PRO A 141 15.80 7.03 -21.15
N THR A 142 15.38 8.10 -21.82
CA THR A 142 16.22 9.26 -22.04
C THR A 142 15.36 10.51 -21.98
N ALA A 143 16.00 11.65 -21.65
CA ALA A 143 15.25 12.90 -21.60
C ALA A 143 14.59 13.19 -22.93
N GLU A 144 15.31 12.92 -24.02
CA GLU A 144 14.79 13.17 -25.36
C GLU A 144 13.47 12.43 -25.62
N LYS A 145 13.20 11.34 -24.91
CA LYS A 145 11.97 10.57 -25.07
C LYS A 145 10.83 11.06 -24.16
N MET A 146 11.06 12.06 -23.31
CA MET A 146 10.02 12.49 -22.38
C MET A 146 8.72 12.83 -23.10
N GLY A 147 8.79 13.64 -24.17
CA GLY A 147 7.57 14.08 -24.84
C GLY A 147 6.77 12.94 -25.44
N GLU A 148 7.44 12.10 -26.25
CA GLU A 148 6.79 10.95 -26.86
C GLU A 148 6.19 10.00 -25.80
N MET A 149 6.94 9.72 -24.72
CA MET A 149 6.45 8.82 -23.68
C MET A 149 5.29 9.45 -22.91
N THR A 150 5.35 10.75 -22.64
CA THR A 150 4.23 11.38 -21.95
C THR A 150 2.97 11.37 -22.81
N ARG A 151 3.10 11.72 -24.10
CA ARG A 151 1.95 11.66 -24.99
C ARG A 151 1.42 10.24 -25.14
N ARG A 152 2.33 9.26 -25.20
CA ARG A 152 1.88 7.87 -25.23
C ARG A 152 1.08 7.51 -23.97
N ALA A 153 1.54 7.95 -22.79
CA ALA A 153 0.80 7.65 -21.58
C ALA A 153 -0.60 8.28 -21.61
N LEU A 154 -0.69 9.55 -22.02
CA LEU A 154 -2.00 10.22 -22.00
C LEU A 154 -2.96 9.60 -23.02
N ARG A 155 -2.46 9.21 -24.19
CA ARG A 155 -3.30 8.57 -25.20
C ARG A 155 -3.76 7.19 -24.72
N THR A 156 -2.87 6.44 -24.08
CA THR A 156 -3.20 5.10 -23.60
C THR A 156 -4.24 5.17 -22.47
N ALA A 157 -4.08 6.13 -21.54
CA ALA A 157 -4.97 6.24 -20.41
C ALA A 157 -6.40 6.55 -20.84
N GLN A 158 -6.56 7.38 -21.88
CA GLN A 158 -7.88 7.91 -22.21
C GLN A 158 -8.42 7.41 -23.55
N SER A 159 -7.81 6.40 -24.16
CA SER A 159 -8.33 5.81 -25.38
C SER A 159 -8.85 4.41 -25.06
N GLY A 160 -9.71 3.88 -25.94
CA GLY A 160 -10.30 2.58 -25.66
C GLY A 160 -10.96 2.55 -24.27
N ARG A 161 -10.83 1.43 -23.60
CA ARG A 161 -11.30 1.35 -22.22
C ARG A 161 -10.31 2.12 -21.35
N PRO A 162 -10.73 3.18 -20.65
CA PRO A 162 -9.77 4.00 -19.91
C PRO A 162 -9.17 3.21 -18.76
N GLY A 163 -8.00 3.66 -18.31
CA GLY A 163 -7.26 2.94 -17.31
C GLY A 163 -6.01 3.68 -16.91
N PRO A 164 -5.35 3.23 -15.84
CA PRO A 164 -4.21 3.95 -15.29
C PRO A 164 -2.90 3.63 -16.01
N ILE A 165 -1.92 4.51 -15.76
CA ILE A 165 -0.60 4.48 -16.40
C ILE A 165 0.44 4.73 -15.32
N HIS A 166 1.57 4.02 -15.41
CA HIS A 166 2.74 4.22 -14.54
C HIS A 166 3.92 4.73 -15.37
N LEU A 167 4.36 5.97 -15.12
CA LEU A 167 5.54 6.57 -15.75
C LEU A 167 6.63 6.72 -14.70
N ASN A 168 7.77 6.07 -14.93
CA ASN A 168 8.89 6.06 -14.00
C ASN A 168 10.01 6.94 -14.59
N ILE A 169 10.49 7.87 -13.78
CA ILE A 169 11.37 8.94 -14.28
C ILE A 169 12.72 8.95 -13.55
N PRO A 170 13.81 8.53 -14.20
CA PRO A 170 15.12 8.59 -13.55
C PRO A 170 15.47 10.02 -13.13
N ALA A 171 16.05 10.14 -11.93
CA ALA A 171 16.29 11.46 -11.36
C ALA A 171 17.27 12.31 -12.19
N ASP A 172 18.21 11.67 -12.90
CA ASP A 172 19.16 12.45 -13.70
C ASP A 172 18.53 12.96 -14.99
N ILE A 173 17.71 12.13 -15.65
CA ILE A 173 16.96 12.55 -16.84
C ILE A 173 16.11 13.78 -16.57
N ALA A 174 15.60 13.93 -15.35
CA ALA A 174 14.52 14.88 -15.09
C ALA A 174 14.91 16.31 -15.44
N LYS A 175 16.19 16.68 -15.29
CA LYS A 175 16.56 18.06 -15.49
C LYS A 175 17.38 18.29 -16.76
N HIS A 176 17.48 17.30 -17.64
CA HIS A 176 18.18 17.50 -18.91
C HIS A 176 17.33 18.36 -19.87
N PRO A 177 17.96 19.22 -20.67
CA PRO A 177 17.20 20.07 -21.59
C PRO A 177 16.60 19.26 -22.72
N VAL A 178 15.37 19.61 -23.08
CA VAL A 178 14.71 19.02 -24.25
C VAL A 178 14.03 20.12 -25.03
N PRO A 179 13.78 19.89 -26.32
CA PRO A 179 13.05 20.89 -27.12
C PRO A 179 11.66 21.12 -26.57
N LEU A 180 11.26 22.38 -26.53
CA LEU A 180 9.94 22.71 -26.00
C LEU A 180 8.89 22.38 -27.06
N GLU A 181 8.40 21.14 -27.03
CA GLU A 181 7.38 20.67 -28.00
C GLU A 181 6.20 20.12 -27.21
N VAL A 182 5.13 20.91 -27.11
CA VAL A 182 3.88 20.54 -26.43
C VAL A 182 2.77 20.57 -27.46
N PHE A 183 1.84 19.60 -27.39
CA PHE A 183 0.75 19.44 -28.35
C PHE A 183 -0.63 19.46 -27.69
N PRO A 184 -1.66 19.93 -28.40
CA PRO A 184 -3.04 19.73 -27.91
C PRO A 184 -3.41 18.25 -27.95
N PRO A 185 -4.28 17.80 -27.03
CA PRO A 185 -4.62 16.37 -27.00
C PRO A 185 -5.11 15.78 -28.31
N MET A 186 -5.87 16.51 -29.12
CA MET A 186 -6.38 15.95 -30.37
C MET A 186 -5.28 15.54 -31.34
N ASN A 187 -4.06 16.09 -31.19
CA ASN A 187 -2.94 15.74 -32.07
C ASN A 187 -2.31 14.38 -31.77
N TYR A 188 -2.44 13.85 -30.56
CA TYR A 188 -1.77 12.59 -30.22
C TYR A 188 -2.70 11.53 -29.67
N ARG A 189 -4.01 11.70 -29.78
CA ARG A 189 -4.93 10.59 -29.52
C ARG A 189 -6.20 10.81 -30.34
N GLY A 190 -6.86 9.69 -30.70
CA GLY A 190 -7.99 9.73 -31.61
C GLY A 190 -9.32 9.81 -30.90
N GLY A 191 -10.38 9.76 -31.69
CA GLY A 191 -11.73 9.92 -31.19
C GLY A 191 -12.30 8.60 -30.74
N LYS A 192 -13.63 8.56 -30.64
CA LYS A 192 -14.25 7.35 -30.13
C LYS A 192 -14.93 6.54 -31.22
N PRO A 193 -14.98 5.23 -31.07
CA PRO A 193 -15.63 4.38 -32.08
C PRO A 193 -17.15 4.46 -32.00
N ALA A 194 -17.79 4.36 -33.15
CA ALA A 194 -19.24 4.35 -33.27
C ALA A 194 -19.73 3.00 -33.77
N PRO A 195 -21.03 2.73 -33.70
CA PRO A 195 -21.57 1.50 -34.27
C PRO A 195 -21.70 1.59 -35.79
N THR A 196 -21.77 0.43 -36.44
CA THR A 196 -22.05 0.43 -37.88
C THR A 196 -23.52 0.75 -38.13
N ILE A 197 -23.80 1.27 -39.33
CA ILE A 197 -25.18 1.55 -39.71
C ILE A 197 -26.02 0.28 -39.57
N MET A 198 -25.48 -0.85 -40.03
CA MET A 198 -26.23 -2.10 -40.01
C MET A 198 -26.61 -2.54 -38.61
N ASP A 199 -25.70 -2.35 -37.63
CA ASP A 199 -26.04 -2.76 -36.27
C ASP A 199 -27.08 -1.84 -35.67
N VAL A 200 -26.98 -0.54 -35.94
CA VAL A 200 -27.98 0.40 -35.47
C VAL A 200 -29.36 0.00 -36.00
N VAL A 201 -29.43 -0.30 -37.31
CA VAL A 201 -30.70 -0.66 -37.93
C VAL A 201 -31.23 -1.96 -37.34
N ARG A 202 -30.34 -2.94 -37.12
CA ARG A 202 -30.79 -4.21 -36.54
C ARG A 202 -31.32 -4.00 -35.11
N VAL A 203 -30.65 -3.16 -34.33
CA VAL A 203 -31.11 -2.90 -32.97
C VAL A 203 -32.44 -2.17 -32.98
N ALA A 204 -32.58 -1.17 -33.85
CA ALA A 204 -33.83 -0.44 -33.94
C ALA A 204 -34.97 -1.37 -34.29
N GLU A 205 -34.73 -2.29 -35.25
CA GLU A 205 -35.75 -3.28 -35.60
C GLU A 205 -36.10 -4.17 -34.42
N LEU A 206 -35.08 -4.67 -33.69
CA LEU A 206 -35.37 -5.52 -32.53
C LEU A 206 -36.19 -4.76 -31.49
N ILE A 207 -35.88 -3.49 -31.27
CA ILE A 207 -36.65 -2.69 -30.32
C ILE A 207 -38.09 -2.54 -30.79
N PHE A 208 -38.28 -2.13 -32.04
CA PHE A 208 -39.64 -1.93 -32.55
C PHE A 208 -40.51 -3.16 -32.29
N HIS A 209 -39.96 -4.36 -32.43
CA HIS A 209 -40.78 -5.57 -32.35
C HIS A 209 -40.83 -6.19 -30.96
N ALA A 210 -40.09 -5.66 -30.00
CA ALA A 210 -39.99 -6.32 -28.70
C ALA A 210 -41.28 -6.13 -27.91
N LYS A 211 -41.68 -7.17 -27.18
CA LYS A 211 -42.86 -7.05 -26.34
C LYS A 211 -42.53 -6.70 -24.90
N ARG A 212 -41.30 -6.92 -24.44
CA ARG A 212 -40.90 -6.57 -23.08
C ARG A 212 -39.41 -6.28 -23.07
N PRO A 213 -39.00 -5.16 -23.63
CA PRO A 213 -37.57 -4.82 -23.68
C PRO A 213 -37.08 -4.31 -22.34
N ALA A 214 -35.75 -4.37 -22.16
CA ALA A 214 -35.16 -3.80 -20.97
C ALA A 214 -33.72 -3.39 -21.23
N ILE A 215 -33.28 -2.37 -20.51
CA ILE A 215 -31.91 -1.89 -20.58
C ILE A 215 -31.24 -2.19 -19.24
N LEU A 216 -30.02 -2.71 -19.29
CA LEU A 216 -29.17 -2.83 -18.10
C LEU A 216 -27.96 -1.95 -18.34
N ALA A 217 -27.89 -0.84 -17.61
CA ALA A 217 -26.87 0.18 -17.83
C ALA A 217 -25.79 0.07 -16.74
N GLY A 218 -24.54 0.02 -17.17
CA GLY A 218 -23.43 -0.17 -16.25
C GLY A 218 -22.59 1.08 -16.11
N HIS A 219 -21.46 0.90 -15.43
CA HIS A 219 -20.54 2.02 -15.17
C HIS A 219 -19.99 2.62 -16.46
N GLY A 220 -20.03 1.89 -17.57
CA GLY A 220 -19.60 2.48 -18.82
C GLY A 220 -20.37 3.72 -19.22
N ILE A 221 -21.57 3.91 -18.65
CA ILE A 221 -22.34 5.13 -18.94
C ILE A 221 -21.60 6.36 -18.44
N GLU A 222 -21.05 6.27 -17.22
CA GLU A 222 -20.24 7.36 -16.68
C GLU A 222 -18.99 7.56 -17.52
N CYS A 223 -18.28 6.46 -17.82
CA CYS A 223 -17.05 6.55 -18.61
C CYS A 223 -17.31 7.25 -19.93
N ALA A 224 -18.44 6.97 -20.56
CA ALA A 224 -18.81 7.55 -21.85
C ALA A 224 -19.50 8.90 -21.71
N LYS A 225 -19.73 9.38 -20.49
CA LYS A 225 -20.51 10.60 -20.26
C LYS A 225 -21.83 10.55 -21.03
N ALA A 226 -22.49 9.40 -21.00
CA ALA A 226 -23.65 9.13 -21.85
C ALA A 226 -25.00 9.33 -21.13
N TRP A 227 -25.04 10.10 -20.04
CA TRP A 227 -26.27 10.15 -19.23
C TRP A 227 -27.46 10.72 -20.01
N GLU A 228 -27.30 11.87 -20.67
CA GLU A 228 -28.46 12.44 -21.35
C GLU A 228 -28.94 11.57 -22.50
N GLU A 229 -27.99 11.01 -23.27
CA GLU A 229 -28.39 10.17 -24.39
C GLU A 229 -29.14 8.95 -23.91
N LEU A 230 -28.70 8.36 -22.79
CA LEU A 230 -29.41 7.23 -22.19
C LEU A 230 -30.81 7.63 -21.77
N LEU A 231 -30.92 8.76 -21.06
CA LEU A 231 -32.23 9.25 -20.65
C LEU A 231 -33.12 9.45 -21.87
N ASP A 232 -32.61 10.14 -22.89
CA ASP A 232 -33.48 10.44 -24.04
C ASP A 232 -33.82 9.17 -24.81
N PHE A 233 -32.86 8.24 -24.92
CA PHE A 233 -33.14 6.96 -25.56
C PHE A 233 -34.24 6.21 -24.82
N ALA A 234 -34.13 6.14 -23.48
CA ALA A 234 -35.17 5.45 -22.72
C ALA A 234 -36.53 6.11 -22.89
N GLU A 235 -36.57 7.44 -22.89
CA GLU A 235 -37.87 8.12 -23.00
C GLU A 235 -38.45 7.97 -24.39
N LEU A 236 -37.59 8.01 -25.41
CA LEU A 236 -38.03 7.85 -26.79
C LEU A 236 -38.64 6.47 -27.00
N THR A 237 -38.05 5.44 -26.41
CA THR A 237 -38.48 4.06 -26.64
C THR A 237 -39.44 3.53 -25.59
N GLY A 238 -39.56 4.19 -24.44
CA GLY A 238 -40.32 3.61 -23.36
C GLY A 238 -39.72 2.37 -22.73
N ILE A 239 -38.43 2.13 -22.91
CA ILE A 239 -37.79 0.93 -22.36
C ILE A 239 -37.30 1.19 -20.94
N PRO A 240 -37.70 0.37 -19.96
CA PRO A 240 -37.23 0.58 -18.57
C PRO A 240 -35.74 0.30 -18.40
N VAL A 241 -35.15 0.98 -17.42
CA VAL A 241 -33.70 0.97 -17.22
C VAL A 241 -33.39 0.48 -15.81
N ALA A 242 -32.69 -0.65 -15.72
CA ALA A 242 -31.98 -1.02 -14.50
C ALA A 242 -30.53 -0.61 -14.64
N THR A 243 -29.85 -0.44 -13.50
CA THR A 243 -28.41 -0.26 -13.50
C THR A 243 -27.74 -1.37 -12.71
N THR A 244 -26.44 -1.56 -12.98
CA THR A 244 -25.62 -2.37 -12.09
C THR A 244 -25.42 -1.61 -10.78
N PRO A 245 -24.92 -2.29 -9.74
CA PRO A 245 -24.62 -1.55 -8.50
C PRO A 245 -23.63 -0.42 -8.74
N LYS A 246 -22.52 -0.67 -9.44
CA LYS A 246 -21.57 0.42 -9.67
C LYS A 246 -22.12 1.44 -10.66
N GLY A 247 -22.99 1.04 -11.54
CA GLY A 247 -23.60 1.94 -12.46
C GLY A 247 -24.72 2.80 -11.86
N LYS A 248 -24.98 2.68 -10.58
CA LYS A 248 -25.99 3.47 -9.92
C LYS A 248 -25.64 4.95 -10.09
N SER A 249 -26.63 5.71 -10.51
CA SER A 249 -26.69 7.14 -10.87
C SER A 249 -26.51 7.38 -12.36
N SER A 250 -26.48 6.33 -13.15
CA SER A 250 -26.41 6.46 -14.58
C SER A 250 -27.77 6.79 -15.17
N PHE A 251 -28.82 6.48 -14.42
CA PHE A 251 -30.21 6.72 -14.72
C PHE A 251 -30.92 7.31 -13.50
N PRO A 252 -31.79 8.28 -13.69
CA PRO A 252 -32.44 8.90 -12.51
C PRO A 252 -33.43 7.96 -11.85
N GLU A 253 -33.20 7.66 -10.58
CA GLU A 253 -33.99 6.62 -9.93
C GLU A 253 -35.39 7.07 -9.54
N ASN A 254 -35.69 8.36 -9.61
CA ASN A 254 -37.06 8.82 -9.42
C ASN A 254 -37.87 8.79 -10.71
N HIS A 255 -37.28 8.35 -11.81
CA HIS A 255 -37.92 8.38 -13.12
C HIS A 255 -38.87 7.20 -13.27
N ALA A 256 -40.01 7.44 -13.94
CA ALA A 256 -41.01 6.38 -14.11
C ALA A 256 -40.44 5.14 -14.78
N LEU A 257 -39.37 5.27 -15.58
CA LEU A 257 -38.83 4.13 -16.31
C LEU A 257 -37.73 3.42 -15.54
N SER A 258 -37.41 3.86 -14.33
CA SER A 258 -36.28 3.31 -13.60
C SER A 258 -36.71 2.02 -12.91
N LEU A 259 -35.99 0.93 -13.17
CA LEU A 259 -36.17 -0.29 -12.41
C LEU A 259 -35.32 -0.33 -11.14
N GLY A 260 -34.45 0.66 -10.93
CA GLY A 260 -33.54 0.62 -9.79
C GLY A 260 -32.32 -0.21 -10.11
N VAL A 261 -31.67 -0.73 -9.06
CA VAL A 261 -30.43 -1.49 -9.20
C VAL A 261 -30.76 -2.97 -9.38
N PHE A 262 -30.15 -3.59 -10.38
CA PHE A 262 -30.14 -5.05 -10.52
C PHE A 262 -28.85 -5.61 -9.95
N GLY A 263 -28.94 -6.66 -9.12
CA GLY A 263 -27.78 -7.39 -8.66
C GLY A 263 -27.57 -7.22 -7.15
N PHE A 264 -26.30 -7.12 -6.74
CA PHE A 264 -25.98 -7.13 -5.31
C PHE A 264 -26.59 -5.93 -4.63
N ALA A 265 -27.25 -6.17 -3.49
CA ALA A 265 -28.00 -5.16 -2.73
C ALA A 265 -29.07 -4.46 -3.57
N GLY A 266 -29.51 -5.08 -4.66
CA GLY A 266 -30.42 -4.43 -5.59
C GLY A 266 -31.88 -4.50 -5.18
N HIS A 267 -32.72 -4.05 -6.09
CA HIS A 267 -34.14 -3.87 -5.82
C HIS A 267 -34.97 -4.98 -6.45
N GLN A 268 -36.02 -5.39 -5.73
CA GLN A 268 -36.89 -6.45 -6.21
C GLN A 268 -37.55 -6.11 -7.55
N LYS A 269 -37.90 -4.85 -7.77
CA LYS A 269 -38.53 -4.52 -9.04
C LYS A 269 -37.60 -4.83 -10.21
N ALA A 270 -36.29 -4.58 -10.06
CA ALA A 270 -35.36 -4.94 -11.12
C ALA A 270 -35.21 -6.46 -11.24
N THR A 271 -35.10 -7.16 -10.11
CA THR A 271 -34.95 -8.61 -10.14
C THR A 271 -36.15 -9.27 -10.80
N ASP A 272 -37.36 -8.87 -10.40
CA ASP A 272 -38.57 -9.42 -11.00
C ASP A 272 -38.58 -9.16 -12.50
N TYR A 273 -38.15 -7.99 -12.93
CA TYR A 273 -38.31 -7.63 -14.33
C TYR A 273 -37.34 -8.40 -15.21
N LEU A 274 -36.08 -8.53 -14.77
CA LEU A 274 -35.03 -9.07 -15.62
C LEU A 274 -34.88 -10.58 -15.52
N LEU A 275 -35.26 -11.17 -14.40
CA LEU A 275 -35.13 -12.61 -14.21
C LEU A 275 -36.44 -13.36 -14.36
N SER A 276 -37.57 -12.66 -14.60
CA SER A 276 -38.86 -13.32 -14.65
C SER A 276 -38.93 -14.33 -15.79
N GLY A 277 -38.24 -14.08 -16.89
CA GLY A 277 -38.32 -14.90 -18.07
C GLY A 277 -39.13 -14.31 -19.20
N ASP A 278 -39.69 -13.11 -19.00
CA ASP A 278 -40.53 -12.49 -20.00
C ASP A 278 -39.82 -11.40 -20.79
N VAL A 279 -38.61 -11.00 -20.39
CA VAL A 279 -37.88 -10.02 -21.17
C VAL A 279 -37.45 -10.68 -22.47
N ASP A 280 -37.86 -10.11 -23.61
CA ASP A 280 -37.44 -10.71 -24.86
C ASP A 280 -36.20 -10.03 -25.46
N VAL A 281 -36.02 -8.74 -25.24
CA VAL A 281 -34.88 -8.02 -25.78
C VAL A 281 -34.21 -7.29 -24.63
N LEU A 282 -32.98 -7.70 -24.30
CA LEU A 282 -32.20 -7.06 -23.25
C LEU A 282 -31.04 -6.31 -23.89
N ILE A 283 -30.88 -5.05 -23.51
CA ILE A 283 -29.80 -4.21 -24.00
C ILE A 283 -28.85 -3.94 -22.84
N VAL A 284 -27.65 -4.50 -22.91
CA VAL A 284 -26.60 -4.27 -21.92
C VAL A 284 -25.67 -3.18 -22.41
N ILE A 285 -25.51 -2.11 -21.63
CA ILE A 285 -24.74 -0.93 -22.05
C ILE A 285 -23.66 -0.62 -21.02
N GLY A 286 -22.41 -0.85 -21.38
CA GLY A 286 -21.31 -0.48 -20.51
C GLY A 286 -21.29 -1.23 -19.18
N SER A 287 -21.52 -2.54 -19.21
CA SER A 287 -21.31 -3.38 -18.04
C SER A 287 -20.46 -4.58 -18.41
N SER A 288 -19.49 -4.91 -17.54
CA SER A 288 -18.67 -6.10 -17.73
C SER A 288 -19.39 -7.39 -17.35
N LEU A 289 -20.59 -7.29 -16.78
CA LEU A 289 -21.39 -8.47 -16.42
C LEU A 289 -20.59 -9.42 -15.52
N GLY A 290 -19.94 -8.85 -14.52
CA GLY A 290 -19.32 -9.62 -13.47
C GLY A 290 -20.33 -10.18 -12.46
N ASP A 291 -19.78 -10.64 -11.33
CA ASP A 291 -20.55 -11.39 -10.34
C ASP A 291 -21.72 -10.58 -9.79
N TRP A 292 -21.42 -9.45 -9.17
CA TRP A 292 -22.46 -8.64 -8.54
C TRP A 292 -23.44 -8.05 -9.55
N GLN A 293 -23.02 -7.90 -10.80
CA GLN A 293 -23.90 -7.36 -11.85
C GLN A 293 -24.92 -8.37 -12.34
N THR A 294 -24.74 -9.66 -12.06
CA THR A 294 -25.56 -10.69 -12.69
C THR A 294 -26.10 -11.69 -11.69
N ASN A 295 -26.01 -11.40 -10.39
CA ASN A 295 -26.37 -12.37 -9.36
C ASN A 295 -25.62 -13.68 -9.58
N SER A 296 -24.30 -13.57 -9.71
CA SER A 296 -23.46 -14.74 -9.92
C SER A 296 -23.79 -15.43 -11.24
N TRP A 297 -23.91 -14.65 -12.32
CA TRP A 297 -24.12 -15.19 -13.66
C TRP A 297 -25.39 -16.06 -13.73
N ASP A 298 -26.47 -15.53 -13.17
CA ASP A 298 -27.75 -16.21 -13.19
C ASP A 298 -28.15 -16.54 -14.64
N PRO A 299 -28.36 -17.81 -14.99
CA PRO A 299 -28.75 -18.11 -16.38
C PRO A 299 -30.05 -17.46 -16.80
N ARG A 300 -30.94 -17.13 -15.86
CA ARG A 300 -32.22 -16.53 -16.20
C ARG A 300 -32.06 -15.14 -16.81
N LEU A 301 -30.92 -14.49 -16.65
CA LEU A 301 -30.75 -13.15 -17.24
C LEU A 301 -30.86 -13.20 -18.75
N THR A 302 -30.53 -14.33 -19.37
CA THR A 302 -30.60 -14.43 -20.82
C THR A 302 -31.99 -14.07 -21.31
N PRO A 303 -32.12 -13.19 -22.31
CA PRO A 303 -33.44 -12.82 -22.81
C PRO A 303 -33.98 -13.86 -23.79
N SER A 304 -35.27 -13.69 -24.13
CA SER A 304 -36.02 -14.65 -24.95
C SER A 304 -35.59 -14.61 -26.41
N VAL A 305 -35.25 -13.42 -26.92
CA VAL A 305 -35.15 -13.19 -28.35
C VAL A 305 -33.78 -12.68 -28.75
N ALA A 306 -33.30 -11.62 -28.08
CA ALA A 306 -31.99 -11.06 -28.44
C ALA A 306 -31.35 -10.41 -27.22
N LEU A 307 -30.06 -10.71 -27.02
CA LEU A 307 -29.22 -9.94 -26.12
C LEU A 307 -28.36 -9.01 -26.97
N ILE A 308 -28.43 -7.72 -26.68
CA ILE A 308 -27.64 -6.70 -27.34
C ILE A 308 -26.65 -6.16 -26.32
N GLN A 309 -25.37 -6.21 -26.65
CA GLN A 309 -24.36 -5.70 -25.74
C GLN A 309 -23.52 -4.63 -26.44
N ILE A 310 -23.39 -3.48 -25.78
CA ILE A 310 -22.65 -2.33 -26.28
C ILE A 310 -21.48 -2.10 -25.33
N ASP A 311 -20.26 -2.19 -25.84
CA ASP A 311 -19.08 -2.00 -25.01
C ASP A 311 -17.93 -1.46 -25.85
N ILE A 312 -17.19 -0.51 -25.29
CA ILE A 312 -16.00 -0.01 -25.98
C ILE A 312 -14.87 -1.03 -25.97
N ASP A 313 -14.89 -2.00 -25.05
CA ASP A 313 -13.85 -3.02 -24.98
C ASP A 313 -14.32 -4.27 -25.72
N PRO A 314 -13.74 -4.60 -26.87
CA PRO A 314 -14.22 -5.79 -27.60
C PRO A 314 -14.07 -7.07 -26.82
N MET A 315 -13.15 -7.14 -25.84
CA MET A 315 -12.95 -8.37 -25.08
C MET A 315 -14.05 -8.63 -24.06
N GLU A 316 -14.93 -7.66 -23.78
CA GLU A 316 -16.03 -7.90 -22.85
C GLU A 316 -17.27 -8.48 -23.51
N ILE A 317 -17.37 -8.39 -24.84
CA ILE A 317 -18.61 -8.73 -25.54
C ILE A 317 -18.75 -10.24 -25.64
N GLY A 318 -19.85 -10.77 -25.12
CA GLY A 318 -20.08 -12.20 -25.16
C GLY A 318 -19.29 -13.00 -24.15
N LYS A 319 -18.69 -12.35 -23.15
CA LYS A 319 -17.82 -13.04 -22.22
C LYS A 319 -18.60 -14.08 -21.41
N ASN A 320 -19.70 -13.66 -20.78
CA ASN A 320 -20.46 -14.51 -19.88
C ASN A 320 -21.83 -14.93 -20.41
N TYR A 321 -22.37 -14.20 -21.39
CA TYR A 321 -23.66 -14.50 -21.98
C TYR A 321 -23.57 -14.39 -23.51
N PRO A 322 -24.19 -15.31 -24.25
CA PRO A 322 -24.13 -15.23 -25.72
C PRO A 322 -24.89 -14.01 -26.24
N VAL A 323 -24.24 -13.24 -27.12
CA VAL A 323 -24.87 -12.03 -27.66
C VAL A 323 -25.46 -12.32 -29.04
N ASP A 324 -26.53 -11.60 -29.38
CA ASP A 324 -27.03 -11.61 -30.74
C ASP A 324 -26.57 -10.41 -31.54
N VAL A 325 -26.44 -9.25 -30.90
CA VAL A 325 -25.87 -8.07 -31.52
C VAL A 325 -24.76 -7.62 -30.57
N GLY A 326 -23.51 -7.85 -30.96
CA GLY A 326 -22.38 -7.39 -30.17
C GLY A 326 -21.76 -6.15 -30.79
N ILE A 327 -21.95 -5.00 -30.15
CA ILE A 327 -21.55 -3.72 -30.69
C ILE A 327 -20.31 -3.25 -29.94
N ASN A 328 -19.19 -3.17 -30.66
CA ASN A 328 -17.96 -2.60 -30.11
C ASN A 328 -17.94 -1.12 -30.47
N ALA A 329 -18.29 -0.27 -29.50
CA ALA A 329 -18.36 1.16 -29.76
C ALA A 329 -18.57 1.89 -28.44
N ASP A 330 -18.34 3.19 -28.48
CA ASP A 330 -18.61 4.05 -27.33
C ASP A 330 -20.12 4.11 -27.05
N ALA A 331 -20.48 4.09 -25.75
CA ALA A 331 -21.91 4.09 -25.42
C ALA A 331 -22.59 5.36 -25.88
N SER A 332 -21.89 6.48 -25.83
CA SER A 332 -22.53 7.75 -26.17
C SER A 332 -22.78 7.85 -27.68
N GLU A 333 -21.79 7.46 -28.48
CA GLU A 333 -21.96 7.46 -29.92
C GLU A 333 -23.04 6.47 -30.33
N THR A 334 -23.13 5.34 -29.63
CA THR A 334 -24.13 4.33 -29.96
C THR A 334 -25.53 4.82 -29.64
N LEU A 335 -25.72 5.39 -28.45
CA LEU A 335 -27.04 5.90 -28.09
C LEU A 335 -27.46 7.04 -29.04
N LYS A 336 -26.54 7.94 -29.37
CA LYS A 336 -26.87 9.03 -30.28
C LYS A 336 -27.29 8.49 -31.65
N ALA A 337 -26.57 7.51 -32.17
CA ALA A 337 -26.97 6.96 -33.46
C ALA A 337 -28.35 6.28 -33.38
N LEU A 338 -28.63 5.60 -32.26
CA LEU A 338 -29.92 4.91 -32.15
C LEU A 338 -31.07 5.92 -32.11
N ILE A 339 -30.91 6.95 -31.30
CA ILE A 339 -31.91 8.00 -31.22
C ILE A 339 -32.17 8.61 -32.59
N LEU A 340 -31.10 8.97 -33.29
CA LEU A 340 -31.26 9.56 -34.61
C LEU A 340 -32.03 8.62 -35.54
N CYS A 341 -31.67 7.34 -35.55
CA CYS A 341 -32.33 6.38 -36.43
C CYS A 341 -33.80 6.19 -36.06
N ILE A 342 -34.09 6.05 -34.77
CA ILE A 342 -35.46 5.77 -34.35
C ILE A 342 -36.37 6.99 -34.55
N ARG A 343 -35.86 8.20 -34.26
CA ARG A 343 -36.67 9.40 -34.45
C ARG A 343 -36.98 9.63 -35.92
N SER A 344 -35.93 9.71 -36.75
CA SER A 344 -36.15 9.93 -38.17
C SER A 344 -37.03 8.83 -38.75
N SER A 345 -36.96 7.62 -38.19
CA SER A 345 -37.90 6.55 -38.50
C SER A 345 -39.33 7.07 -38.59
N GLY A 346 -39.82 7.71 -37.53
CA GLY A 346 -41.22 8.08 -37.41
C GLY A 346 -42.07 7.04 -36.70
N LYS A 347 -41.60 5.80 -36.62
CA LYS A 347 -42.35 4.72 -35.97
C LYS A 347 -42.15 4.71 -34.44
N GLY A 375 -27.95 1.75 19.03
CA GLY A 375 -27.51 2.66 17.99
C GLY A 375 -28.63 3.07 17.06
N ILE A 376 -28.29 3.71 15.93
CA ILE A 376 -29.27 4.05 14.90
C ILE A 376 -29.31 2.94 13.87
N HIS A 377 -30.52 2.58 13.44
CA HIS A 377 -30.63 1.66 12.30
C HIS A 377 -30.10 2.35 11.05
N PRO A 378 -29.18 1.72 10.31
CA PRO A 378 -28.62 2.41 9.13
C PRO A 378 -29.64 2.84 8.10
N ALA A 379 -30.80 2.19 8.03
CA ALA A 379 -31.80 2.66 7.07
C ALA A 379 -32.35 4.02 7.48
N MET A 380 -32.42 4.31 8.78
CA MET A 380 -32.84 5.63 9.24
C MET A 380 -31.77 6.68 8.95
N VAL A 381 -30.50 6.28 8.98
CA VAL A 381 -29.42 7.19 8.63
C VAL A 381 -29.51 7.58 7.16
N VAL A 382 -29.67 6.59 6.30
CA VAL A 382 -29.82 6.89 4.87
C VAL A 382 -31.09 7.70 4.63
N GLU A 383 -32.18 7.35 5.31
CA GLU A 383 -33.40 8.14 5.15
C GLU A 383 -33.16 9.60 5.53
N ALA A 384 -32.48 9.83 6.66
CA ALA A 384 -32.23 11.20 7.10
C ALA A 384 -31.30 11.92 6.12
N MET A 385 -30.36 11.20 5.55
CA MET A 385 -29.52 11.79 4.49
C MET A 385 -30.35 12.17 3.28
N GLN A 386 -31.21 11.30 2.85
CA GLN A 386 -32.07 11.58 1.74
C GLN A 386 -32.95 12.77 2.00
N ASN A 387 -33.31 13.01 3.24
CA ASN A 387 -34.15 14.11 3.61
C ASN A 387 -33.42 15.42 3.75
N ARG A 388 -32.11 15.40 3.73
CA ARG A 388 -31.39 16.63 3.88
C ARG A 388 -30.31 17.00 2.84
N LEU A 389 -29.63 16.04 2.23
CA LEU A 389 -28.61 16.33 1.25
C LEU A 389 -29.25 17.12 0.12
N PRO A 390 -28.65 18.23 -0.30
CA PRO A 390 -29.13 18.93 -1.49
C PRO A 390 -29.09 18.02 -2.72
N ALA A 391 -29.91 18.37 -3.70
CA ALA A 391 -30.07 17.53 -4.87
C ALA A 391 -28.76 17.32 -5.62
N ASP A 392 -27.85 18.31 -5.58
CA ASP A 392 -26.62 18.21 -6.32
C ASP A 392 -25.48 17.53 -5.54
N THR A 393 -25.78 16.89 -4.40
CA THR A 393 -24.74 16.26 -3.60
C THR A 393 -24.10 15.09 -4.36
N ILE A 394 -22.78 14.98 -4.27
CA ILE A 394 -22.07 13.80 -4.74
C ILE A 394 -21.81 12.90 -3.54
N LEU A 395 -22.32 11.67 -3.59
CA LEU A 395 -22.23 10.71 -2.47
C LEU A 395 -21.19 9.66 -2.81
N PHE A 396 -20.11 9.62 -2.03
CA PHE A 396 -19.10 8.56 -2.11
C PHE A 396 -19.47 7.51 -1.08
N VAL A 397 -19.41 6.24 -1.47
CA VAL A 397 -19.75 5.12 -0.58
C VAL A 397 -18.54 4.20 -0.51
N ASP A 398 -18.15 3.85 0.70
CA ASP A 398 -16.98 2.97 0.82
C ASP A 398 -17.45 1.52 0.77
N ASN A 399 -16.57 0.60 1.17
CA ASN A 399 -16.73 -0.82 0.96
C ASN A 399 -16.79 -1.49 2.32
N GLY A 400 -17.79 -2.32 2.53
CA GLY A 400 -18.31 -2.72 3.82
C GLY A 400 -19.82 -2.71 3.72
N SER A 401 -20.50 -2.86 4.88
CA SER A 401 -21.95 -2.83 4.87
C SER A 401 -22.50 -1.53 4.29
N CYS A 402 -21.69 -0.47 4.24
CA CYS A 402 -22.15 0.76 3.61
C CYS A 402 -22.49 0.56 2.14
N ILE A 403 -21.89 -0.46 1.49
CA ILE A 403 -22.31 -0.81 0.14
C ILE A 403 -23.81 -1.09 0.09
N ASN A 404 -24.26 -2.02 0.94
CA ASN A 404 -25.66 -2.45 0.92
C ASN A 404 -26.59 -1.29 1.24
N TRP A 405 -26.26 -0.50 2.27
CA TRP A 405 -27.14 0.59 2.66
C TRP A 405 -27.21 1.65 1.58
N GLY A 406 -26.06 1.99 0.98
CA GLY A 406 -26.05 3.03 -0.03
C GLY A 406 -26.69 2.60 -1.33
N VAL A 407 -26.30 1.41 -1.84
CA VAL A 407 -26.85 0.92 -3.09
C VAL A 407 -28.35 0.69 -2.95
N HIS A 408 -28.80 0.15 -1.81
CA HIS A 408 -30.21 -0.23 -1.68
C HIS A 408 -31.09 0.95 -1.27
N CYS A 409 -30.69 1.71 -0.23
CA CYS A 409 -31.61 2.64 0.40
C CYS A 409 -31.50 4.07 -0.11
N TYR A 410 -30.43 4.44 -0.79
CA TYR A 410 -30.28 5.82 -1.25
C TYR A 410 -30.81 5.94 -2.67
N LEU A 411 -31.68 6.90 -2.89
CA LEU A 411 -32.25 7.14 -4.23
C LEU A 411 -31.39 8.18 -4.93
N ALA A 412 -30.73 7.79 -6.01
CA ALA A 412 -29.79 8.66 -6.73
C ALA A 412 -30.50 9.26 -7.94
N GLN A 413 -30.69 10.56 -7.92
CA GLN A 413 -31.45 11.23 -8.96
C GLN A 413 -30.59 11.94 -9.98
N THR A 414 -29.36 12.28 -9.61
CA THR A 414 -28.47 13.15 -10.36
C THR A 414 -27.42 12.34 -11.10
N PRO A 415 -27.20 12.62 -12.38
CA PRO A 415 -26.23 11.84 -13.17
C PRO A 415 -24.86 11.74 -12.53
N GLY A 416 -24.39 10.52 -12.31
CA GLY A 416 -23.03 10.34 -11.81
C GLY A 416 -22.77 10.76 -10.38
N ALA A 417 -23.82 11.13 -9.61
CA ALA A 417 -23.64 11.62 -8.24
C ALA A 417 -23.52 10.50 -7.20
N PHE A 418 -23.42 9.25 -7.63
CA PHE A 418 -23.23 8.11 -6.73
C PHE A 418 -21.90 7.47 -7.12
N GLN A 419 -20.90 7.59 -6.24
CA GLN A 419 -19.52 7.20 -6.53
C GLN A 419 -19.14 6.05 -5.61
N ILE A 420 -19.09 4.85 -6.16
CA ILE A 420 -18.71 3.67 -5.39
C ILE A 420 -17.69 2.89 -6.20
N GLY A 421 -16.66 2.40 -5.53
CA GLY A 421 -15.58 1.72 -6.23
C GLY A 421 -15.88 0.27 -5.92
N LEU A 422 -16.42 -0.46 -6.88
CA LEU A 422 -16.91 -1.82 -6.65
C LEU A 422 -16.07 -2.72 -7.54
N GLY A 423 -15.25 -2.16 -8.44
CA GLY A 423 -14.38 -3.03 -9.24
C GLY A 423 -13.44 -3.83 -8.36
N LEU A 424 -12.72 -3.16 -7.46
CA LEU A 424 -11.89 -3.84 -6.48
C LEU A 424 -12.47 -3.77 -5.08
N ALA A 425 -13.40 -2.85 -4.83
CA ALA A 425 -14.08 -2.72 -3.53
C ALA A 425 -13.06 -2.66 -2.39
N ALA A 426 -12.11 -1.76 -2.52
CA ALA A 426 -11.06 -1.62 -1.52
C ALA A 426 -11.57 -0.80 -0.36
N MET A 427 -11.44 -1.33 0.85
CA MET A 427 -11.76 -0.55 2.04
C MET A 427 -10.92 0.71 2.06
N GLY A 428 -11.56 1.84 2.40
CA GLY A 428 -10.85 3.10 2.47
C GLY A 428 -10.84 3.92 1.19
N HIS A 429 -11.23 3.33 0.04
CA HIS A 429 -11.29 4.02 -1.24
C HIS A 429 -12.09 5.32 -1.14
N ALA A 430 -13.34 5.22 -0.71
CA ALA A 430 -14.19 6.41 -0.63
C ALA A 430 -13.67 7.44 0.37
N VAL A 431 -13.08 7.00 1.48
CA VAL A 431 -12.62 7.94 2.51
C VAL A 431 -11.76 9.02 1.87
N ALA A 432 -10.78 8.60 1.05
CA ALA A 432 -9.84 9.50 0.41
C ALA A 432 -10.37 10.04 -0.92
N ALA A 433 -10.98 9.16 -1.73
CA ALA A 433 -11.48 9.59 -3.05
C ALA A 433 -12.40 10.80 -2.93
N ALA A 434 -13.23 10.84 -1.87
CA ALA A 434 -14.16 11.96 -1.71
C ALA A 434 -13.44 13.31 -1.75
N ILE A 435 -12.21 13.36 -1.24
CA ILE A 435 -11.48 14.62 -1.28
C ILE A 435 -11.13 15.01 -2.70
N GLY A 436 -10.71 14.02 -3.51
CA GLY A 436 -10.51 14.27 -4.93
C GLY A 436 -11.77 14.75 -5.62
N GLY A 437 -12.91 14.12 -5.32
CA GLY A 437 -14.16 14.53 -5.93
C GLY A 437 -14.54 15.96 -5.60
N LYS A 438 -14.25 16.40 -4.36
CA LYS A 438 -14.58 17.78 -4.01
C LYS A 438 -13.70 18.76 -4.77
N LEU A 439 -12.41 18.43 -4.95
CA LEU A 439 -11.56 19.31 -5.76
C LEU A 439 -12.04 19.35 -7.20
N ALA A 440 -12.68 18.28 -7.67
CA ALA A 440 -13.19 18.26 -9.04
C ALA A 440 -14.51 19.01 -9.16
N ALA A 441 -15.29 19.09 -8.07
CA ALA A 441 -16.60 19.77 -8.10
C ALA A 441 -16.72 20.64 -6.85
N PRO A 442 -15.94 21.72 -6.78
CA PRO A 442 -15.87 22.47 -5.52
C PRO A 442 -17.17 23.18 -5.16
N ASP A 443 -18.03 23.46 -6.13
CA ASP A 443 -19.33 24.07 -5.92
C ASP A 443 -20.43 23.06 -5.56
N ARG A 444 -20.12 21.76 -5.48
CA ARG A 444 -21.19 20.86 -5.08
C ARG A 444 -20.91 20.23 -3.72
N PRO A 445 -21.95 19.90 -2.93
CA PRO A 445 -21.69 19.21 -1.67
C PRO A 445 -21.15 17.81 -1.95
N VAL A 446 -20.17 17.39 -1.14
CA VAL A 446 -19.59 16.06 -1.26
C VAL A 446 -19.66 15.40 0.09
N VAL A 447 -20.21 14.17 0.12
CA VAL A 447 -20.42 13.42 1.34
C VAL A 447 -19.92 12.01 1.10
N ALA A 448 -19.29 11.43 2.12
CA ALA A 448 -18.79 10.07 2.05
C ALA A 448 -19.46 9.24 3.14
N LEU A 449 -20.07 8.13 2.73
CA LEU A 449 -20.61 7.15 3.67
C LEU A 449 -19.61 6.00 3.80
N VAL A 450 -19.02 5.84 4.99
CA VAL A 450 -17.94 4.88 5.19
C VAL A 450 -18.07 4.17 6.54
N GLY A 451 -17.46 2.96 6.61
CA GLY A 451 -17.41 2.19 7.85
C GLY A 451 -16.22 2.59 8.73
N ASP A 452 -16.24 2.10 9.97
CA ASP A 452 -15.21 2.51 10.94
C ASP A 452 -13.87 1.84 10.65
N ALA A 453 -13.88 0.57 10.24
CA ALA A 453 -12.61 -0.09 9.92
C ALA A 453 -11.98 0.53 8.67
N ALA A 454 -12.80 0.86 7.68
CA ALA A 454 -12.28 1.56 6.50
C ALA A 454 -11.68 2.91 6.90
N PHE A 455 -12.31 3.62 7.84
CA PHE A 455 -11.79 4.90 8.26
C PHE A 455 -10.48 4.74 9.03
N ALA A 456 -10.38 3.68 9.83
CA ALA A 456 -9.09 3.37 10.45
C ALA A 456 -8.00 3.13 9.41
N MET A 457 -8.38 2.75 8.19
CA MET A 457 -7.40 2.40 7.17
C MET A 457 -6.86 3.62 6.43
N ASN A 458 -7.73 4.59 6.10
CA ASN A 458 -7.31 5.77 5.35
C ASN A 458 -7.84 7.09 5.93
N GLY A 459 -8.49 7.08 7.10
CA GLY A 459 -9.07 8.29 7.66
C GLY A 459 -8.09 9.40 8.02
N MET A 460 -6.79 9.08 8.09
CA MET A 460 -5.82 10.14 8.37
C MET A 460 -5.86 11.23 7.30
N GLU A 461 -6.29 10.89 6.07
CA GLU A 461 -6.37 11.87 4.99
C GLU A 461 -7.30 13.05 5.30
N ILE A 462 -8.17 12.94 6.32
CA ILE A 462 -9.00 14.12 6.62
C ILE A 462 -8.12 15.28 7.06
N HIS A 463 -6.89 14.98 7.50
CA HIS A 463 -5.96 16.06 7.81
C HIS A 463 -5.58 16.82 6.54
N THR A 464 -5.44 16.10 5.43
CA THR A 464 -5.20 16.75 4.14
C THR A 464 -6.34 17.70 3.80
N ALA A 465 -7.58 17.26 4.02
CA ALA A 465 -8.72 18.15 3.80
C ALA A 465 -8.68 19.34 4.73
N ALA A 466 -8.27 19.15 5.98
CA ALA A 466 -8.14 20.29 6.88
C ALA A 466 -7.05 21.24 6.39
N GLU A 467 -5.92 20.71 5.95
CA GLU A 467 -4.81 21.57 5.53
C GLU A 467 -5.22 22.44 4.33
N TYR A 468 -5.88 21.84 3.34
CA TYR A 468 -6.27 22.58 2.15
C TYR A 468 -7.68 23.15 2.24
N LYS A 469 -8.34 23.02 3.39
CA LYS A 469 -9.69 23.54 3.59
C LYS A 469 -10.65 23.04 2.52
N ILE A 470 -10.70 21.72 2.37
CA ILE A 470 -11.55 21.06 1.37
C ILE A 470 -12.79 20.55 2.09
N PRO A 471 -13.99 21.19 1.90
CA PRO A 471 -15.17 20.80 2.69
C PRO A 471 -15.80 19.49 2.19
N VAL A 472 -15.44 18.42 2.88
CA VAL A 472 -16.08 17.12 2.73
C VAL A 472 -16.67 16.72 4.08
N THR A 473 -17.79 15.99 4.05
CA THR A 473 -18.43 15.47 5.24
C THR A 473 -18.33 13.95 5.22
N TRP A 474 -17.62 13.38 6.21
CA TRP A 474 -17.52 11.93 6.37
C TRP A 474 -18.58 11.47 7.35
N ILE A 475 -19.43 10.54 6.93
CA ILE A 475 -20.40 9.90 7.80
C ILE A 475 -19.87 8.51 8.13
N VAL A 476 -19.34 8.34 9.34
CA VAL A 476 -18.72 7.07 9.73
C VAL A 476 -19.75 6.22 10.46
N LEU A 477 -20.08 5.06 9.88
CA LEU A 477 -20.99 4.12 10.51
C LEU A 477 -20.16 3.31 11.50
N ASN A 478 -20.16 3.75 12.76
CA ASN A 478 -19.28 3.20 13.78
C ASN A 478 -19.99 2.05 14.48
N ASN A 479 -19.74 0.81 14.02
CA ASN A 479 -20.32 -0.35 14.69
C ASN A 479 -19.28 -1.15 15.47
N GLY A 480 -18.11 -0.57 15.70
CA GLY A 480 -17.09 -1.20 16.55
C GLY A 480 -16.44 -2.42 15.93
N GLY A 481 -16.13 -2.38 14.65
CA GLY A 481 -15.40 -3.46 14.02
C GLY A 481 -15.88 -3.73 12.61
N HIS A 482 -15.61 -4.95 12.16
CA HIS A 482 -15.87 -5.39 10.79
C HIS A 482 -17.23 -6.05 10.72
N GLY A 483 -18.25 -5.24 10.41
CA GLY A 483 -19.63 -5.73 10.46
C GLY A 483 -19.88 -6.89 9.51
N LEU A 484 -19.49 -6.72 8.23
CA LEU A 484 -19.70 -7.79 7.26
C LEU A 484 -19.03 -9.08 7.71
N VAL A 485 -17.80 -8.99 8.22
CA VAL A 485 -17.11 -10.21 8.68
C VAL A 485 -17.82 -10.81 9.87
N HIS A 486 -18.23 -9.97 10.82
CA HIS A 486 -19.00 -10.42 11.97
C HIS A 486 -20.24 -11.17 11.53
N LEU A 487 -20.97 -10.63 10.55
CA LEU A 487 -22.17 -11.30 10.08
C LEU A 487 -21.83 -12.61 9.35
N GLY A 488 -20.71 -12.64 8.64
CA GLY A 488 -20.26 -13.88 8.03
C GLY A 488 -19.91 -14.95 9.06
N GLU A 489 -19.31 -14.55 10.18
CA GLU A 489 -19.05 -15.52 11.24
C GLU A 489 -20.34 -16.15 11.74
N GLN A 490 -21.38 -15.33 11.94
CA GLN A 490 -22.66 -15.85 12.44
C GLN A 490 -23.36 -16.71 11.39
N HIS A 491 -23.33 -16.29 10.12
CA HIS A 491 -24.18 -16.93 9.12
C HIS A 491 -23.48 -18.06 8.39
N GLN A 492 -22.14 -18.10 8.40
CA GLN A 492 -21.39 -19.10 7.67
C GLN A 492 -20.51 -19.98 8.56
N PHE A 493 -20.12 -19.52 9.74
CA PHE A 493 -19.23 -20.29 10.60
C PHE A 493 -19.82 -20.47 12.00
N ASP A 494 -21.15 -20.40 12.08
CA ASP A 494 -21.88 -20.75 13.30
C ASP A 494 -21.33 -20.05 14.54
N SER A 495 -20.76 -18.86 14.37
CA SER A 495 -20.27 -18.03 15.48
C SER A 495 -19.15 -18.68 16.27
N LYS A 496 -18.39 -19.59 15.66
CA LYS A 496 -17.34 -20.30 16.39
C LYS A 496 -16.14 -19.42 16.74
N PHE A 497 -15.99 -18.26 16.11
CA PHE A 497 -14.86 -17.40 16.39
C PHE A 497 -15.22 -15.96 16.03
N ASP A 498 -14.51 -15.03 16.66
CA ASP A 498 -14.67 -13.60 16.38
C ASP A 498 -13.31 -13.03 16.02
N ILE A 499 -13.19 -12.52 14.79
CA ILE A 499 -11.99 -11.84 14.36
C ILE A 499 -12.45 -10.52 13.74
N SER A 500 -13.55 -9.96 14.26
CA SER A 500 -14.19 -8.82 13.63
C SER A 500 -14.56 -7.69 14.61
N SER A 501 -14.86 -8.03 15.86
CA SER A 501 -15.33 -7.04 16.83
C SER A 501 -14.17 -6.46 17.61
N PHE A 502 -13.99 -5.14 17.51
CA PHE A 502 -13.02 -4.46 18.36
C PHE A 502 -13.44 -4.63 19.82
N ARG A 503 -12.45 -4.78 20.71
CA ARG A 503 -12.75 -4.74 22.14
C ARG A 503 -13.12 -3.33 22.57
N LYS A 504 -12.49 -2.32 21.96
CA LYS A 504 -12.85 -0.92 22.21
C LYS A 504 -13.05 -0.21 20.87
N SER A 505 -14.20 0.44 20.73
CA SER A 505 -14.48 1.27 19.56
C SER A 505 -13.50 2.44 19.48
N ILE A 506 -13.19 2.85 18.26
CA ILE A 506 -12.40 4.06 18.05
C ILE A 506 -13.28 5.27 18.29
N ASP A 507 -12.73 6.32 18.90
CA ASP A 507 -13.44 7.58 19.11
C ASP A 507 -13.10 8.52 17.97
N PHE A 508 -13.95 8.55 16.95
CA PHE A 508 -13.64 9.32 15.77
C PHE A 508 -13.78 10.82 15.97
N CYS A 509 -14.61 11.25 16.93
CA CYS A 509 -14.65 12.68 17.27
C CYS A 509 -13.30 13.16 17.82
N LYS A 510 -12.72 12.40 18.75
CA LYS A 510 -11.41 12.77 19.26
C LYS A 510 -10.36 12.68 18.15
N MET A 511 -10.43 11.65 17.31
CA MET A 511 -9.50 11.57 16.19
C MET A 511 -9.63 12.77 15.26
N ALA A 512 -10.88 13.10 14.87
CA ALA A 512 -11.07 14.26 13.99
C ALA A 512 -10.50 15.52 14.65
N GLU A 513 -10.79 15.70 15.94
CA GLU A 513 -10.21 16.81 16.68
C GLU A 513 -8.68 16.78 16.63
N SER A 514 -8.07 15.60 16.77
CA SER A 514 -6.62 15.49 16.70
C SER A 514 -6.07 16.00 15.37
N LEU A 515 -6.85 15.90 14.30
CA LEU A 515 -6.44 16.30 12.97
C LEU A 515 -6.99 17.66 12.56
N GLY A 516 -7.56 18.42 13.50
CA GLY A 516 -8.10 19.74 13.20
C GLY A 516 -9.40 19.75 12.43
N VAL A 517 -10.20 18.68 12.51
CA VAL A 517 -11.46 18.57 11.78
C VAL A 517 -12.62 18.60 12.77
N LYS A 518 -13.61 19.48 12.53
CA LYS A 518 -14.81 19.51 13.37
C LYS A 518 -15.56 18.18 13.31
N SER A 519 -16.22 17.81 14.41
CA SER A 519 -16.85 16.49 14.45
C SER A 519 -18.13 16.53 15.28
N TYR A 520 -19.00 15.56 15.01
CA TYR A 520 -20.22 15.35 15.77
C TYR A 520 -20.36 13.86 16.07
N ARG A 521 -20.90 13.56 17.23
CA ARG A 521 -21.25 12.20 17.62
C ARG A 521 -22.78 12.08 17.56
N ALA A 522 -23.28 11.00 16.97
CA ALA A 522 -24.72 10.86 16.74
C ALA A 522 -25.19 9.49 17.20
N GLU A 523 -25.98 9.47 18.26
CA GLU A 523 -26.55 8.24 18.80
C GLU A 523 -28.04 8.13 18.57
N THR A 524 -28.69 9.21 18.16
CA THR A 524 -30.09 9.20 17.77
C THR A 524 -30.24 9.84 16.39
N VAL A 525 -31.33 9.51 15.72
CA VAL A 525 -31.51 10.06 14.38
C VAL A 525 -31.69 11.58 14.45
N GLU A 526 -32.22 12.09 15.56
CA GLU A 526 -32.28 13.54 15.78
C GLU A 526 -30.87 14.14 15.87
N ASP A 527 -29.99 13.51 16.65
CA ASP A 527 -28.61 13.97 16.68
C ASP A 527 -28.00 13.97 15.28
N PHE A 528 -28.29 12.92 14.52
CA PHE A 528 -27.70 12.82 13.20
C PHE A 528 -28.22 13.92 12.29
N ASP A 529 -29.53 14.20 12.33
CA ASP A 529 -30.08 15.22 11.45
C ASP A 529 -29.46 16.58 11.78
N ALA A 530 -29.39 16.93 13.06
CA ALA A 530 -28.80 18.20 13.45
C ALA A 530 -27.33 18.27 13.05
N ALA A 531 -26.61 17.16 13.16
CA ALA A 531 -25.20 17.14 12.77
C ALA A 531 -25.04 17.33 11.26
N LEU A 532 -25.87 16.65 10.47
CA LEU A 532 -25.75 16.78 9.02
C LEU A 532 -26.07 18.21 8.59
N LYS A 533 -27.14 18.78 9.13
CA LYS A 533 -27.44 20.18 8.88
C LYS A 533 -26.24 21.07 9.24
N GLY A 534 -25.58 20.80 10.36
CA GLY A 534 -24.43 21.59 10.75
C GLY A 534 -23.24 21.42 9.82
N ALA A 535 -22.95 20.19 9.41
CA ALA A 535 -21.85 19.95 8.47
C ALA A 535 -22.08 20.67 7.16
N LEU A 536 -23.30 20.59 6.61
CA LEU A 536 -23.55 21.17 5.30
C LEU A 536 -23.35 22.68 5.32
N ALA A 537 -23.81 23.36 6.39
CA ALA A 537 -23.64 24.80 6.50
C ALA A 537 -22.20 25.23 6.71
N MET A 538 -21.37 24.37 7.22
CA MET A 538 -20.02 24.69 7.58
C MET A 538 -19.08 25.19 6.57
N ASN A 539 -19.02 24.51 5.47
CA ASN A 539 -18.02 24.80 4.51
C ASN A 539 -16.58 24.77 5.00
N THR A 540 -16.34 23.71 5.71
CA THR A 540 -15.09 23.16 6.20
C THR A 540 -15.37 21.66 6.33
N PRO A 541 -14.33 20.86 6.43
CA PRO A 541 -14.57 19.44 6.55
C PRO A 541 -15.15 19.10 7.89
N CYS A 542 -15.91 18.05 7.91
CA CYS A 542 -16.60 17.62 9.07
C CYS A 542 -16.80 16.13 9.13
N LEU A 543 -16.76 15.60 10.32
CA LEU A 543 -16.92 14.16 10.52
C LEU A 543 -18.11 13.92 11.44
N ILE A 544 -18.95 12.96 11.07
CA ILE A 544 -20.11 12.57 11.88
C ILE A 544 -19.91 11.10 12.27
N ASP A 545 -19.81 10.84 13.57
CA ASP A 545 -19.49 9.52 14.14
C ASP A 545 -20.81 8.91 14.58
N VAL A 546 -21.37 7.98 13.78
CA VAL A 546 -22.72 7.45 13.97
C VAL A 546 -22.63 6.10 14.67
N GLN A 547 -23.32 5.99 15.82
CA GLN A 547 -23.39 4.72 16.54
C GLN A 547 -24.35 3.77 15.81
N VAL A 548 -23.84 2.59 15.45
CA VAL A 548 -24.56 1.61 14.65
C VAL A 548 -24.38 0.23 15.28
N ASP A 549 -25.44 -0.57 15.29
CA ASP A 549 -25.40 -1.91 15.85
C ASP A 549 -24.70 -2.87 14.89
N ILE A 550 -23.71 -3.61 15.39
CA ILE A 550 -22.93 -4.50 14.53
C ILE A 550 -23.72 -5.73 14.07
N ASP A 551 -24.82 -6.03 14.75
CA ASP A 551 -25.63 -7.21 14.43
C ASP A 551 -26.59 -6.98 13.26
N VAL A 552 -26.82 -5.72 12.87
CA VAL A 552 -27.83 -5.45 11.85
C VAL A 552 -27.46 -6.15 10.56
N LEU A 553 -28.44 -6.81 9.94
CA LEU A 553 -28.20 -7.50 8.67
C LEU A 553 -28.51 -6.55 7.52
N PRO A 554 -27.54 -6.11 6.74
CA PRO A 554 -27.82 -5.14 5.66
C PRO A 554 -28.58 -5.79 4.52
N PRO A 555 -29.33 -5.03 3.78
CA PRO A 555 -30.13 -5.49 2.67
C PRO A 555 -29.38 -6.25 1.65
N GLY A 556 -29.88 -7.39 1.32
CA GLY A 556 -29.28 -8.23 0.33
C GLY A 556 -28.13 -9.09 0.77
N MET A 557 -27.70 -8.98 2.00
CA MET A 557 -26.60 -9.75 2.48
C MET A 557 -27.14 -11.13 2.76
N LYS A 558 -28.35 -11.18 3.30
CA LYS A 558 -28.99 -12.45 3.62
C LYS A 558 -29.09 -13.34 2.43
N GLN A 559 -29.47 -12.78 1.27
CA GLN A 559 -29.55 -13.53 0.04
C GLN A 559 -28.15 -13.97 -0.50
N ARG A 560 -27.14 -13.29 0.02
CA ARG A 560 -25.78 -13.62 -0.22
C ARG A 560 -25.33 -14.49 0.96
N PHE A 561 -24.01 -14.80 0.94
CA PHE A 561 -23.12 -15.67 1.79
C PHE A 561 -23.20 -17.14 1.30
N ASP A 562 -24.13 -17.37 0.39
CA ASP A 562 -24.44 -18.55 -0.33
C ASP A 562 -23.49 -18.66 -1.48
N LYS B 5 -5.80 -40.66 8.29
CA LYS B 5 -6.25 -39.40 8.89
C LYS B 5 -6.13 -38.23 7.90
N THR B 6 -7.24 -37.52 7.72
CA THR B 6 -7.40 -36.45 6.74
C THR B 6 -7.64 -35.12 7.46
N VAL B 7 -7.25 -34.03 6.81
CA VAL B 7 -7.57 -32.68 7.27
C VAL B 7 -7.80 -31.82 6.04
N THR B 8 -8.47 -30.68 6.25
CA THR B 8 -8.58 -29.70 5.17
C THR B 8 -7.20 -29.20 4.78
N ALA B 9 -7.06 -28.82 3.52
CA ALA B 9 -5.78 -28.30 3.02
C ALA B 9 -5.30 -27.12 3.86
N VAL B 10 -6.22 -26.22 4.21
CA VAL B 10 -5.83 -25.04 4.98
C VAL B 10 -5.41 -25.43 6.40
N GLU B 11 -6.07 -26.42 7.01
CA GLU B 11 -5.60 -26.87 8.32
C GLU B 11 -4.21 -27.50 8.20
N LEU B 12 -3.95 -28.25 7.14
CA LEU B 12 -2.61 -28.80 6.95
C LEU B 12 -1.59 -27.66 6.90
N LEU B 13 -1.90 -26.60 6.15
CA LEU B 13 -1.02 -25.44 6.08
C LEU B 13 -0.75 -24.87 7.48
N VAL B 14 -1.78 -24.76 8.30
CA VAL B 14 -1.62 -24.19 9.63
C VAL B 14 -0.78 -25.12 10.51
N ARG B 15 -1.03 -26.43 10.40
CA ARG B 15 -0.25 -27.40 11.16
C ARG B 15 1.22 -27.37 10.76
N GLN B 16 1.50 -27.23 9.45
CA GLN B 16 2.89 -27.17 9.03
C GLN B 16 3.56 -25.88 9.49
N MET B 17 2.82 -24.76 9.52
CA MET B 17 3.38 -23.56 10.12
C MET B 17 3.64 -23.76 11.61
N GLU B 18 2.75 -24.50 12.29
CA GLU B 18 2.99 -24.82 13.70
C GLU B 18 4.34 -25.48 13.90
N ALA B 19 4.68 -26.45 13.04
CA ALA B 19 5.96 -27.16 13.20
C ALA B 19 7.16 -26.28 12.91
N GLU B 20 6.98 -25.15 12.20
CA GLU B 20 8.06 -24.19 12.05
C GLU B 20 8.20 -23.28 13.26
N GLY B 21 7.34 -23.44 14.26
CA GLY B 21 7.35 -22.56 15.42
C GLY B 21 6.66 -21.23 15.22
N VAL B 22 5.77 -21.13 14.23
CA VAL B 22 5.04 -19.88 14.00
C VAL B 22 4.06 -19.67 15.15
N SER B 23 4.01 -18.43 15.67
CA SER B 23 3.17 -18.11 16.82
C SER B 23 2.05 -17.12 16.54
N TYR B 24 2.19 -16.28 15.51
CA TYR B 24 1.20 -15.25 15.20
C TYR B 24 1.01 -15.20 13.70
N VAL B 25 -0.21 -14.85 13.29
CA VAL B 25 -0.51 -14.52 11.90
C VAL B 25 -1.16 -13.15 11.92
N PHE B 26 -0.51 -12.17 11.30
CA PHE B 26 -1.02 -10.80 11.27
C PHE B 26 -1.80 -10.60 9.99
N GLY B 27 -2.97 -9.98 10.08
CA GLY B 27 -3.72 -9.72 8.87
C GLY B 27 -5.10 -9.16 9.16
N ILE B 28 -5.90 -9.14 8.10
CA ILE B 28 -7.27 -8.66 8.11
C ILE B 28 -8.10 -9.68 7.34
N PRO B 29 -9.19 -10.19 7.89
CA PRO B 29 -9.96 -11.22 7.19
C PRO B 29 -10.67 -10.68 5.96
N GLY B 30 -11.16 -11.64 5.17
CA GLY B 30 -12.03 -11.38 4.03
C GLY B 30 -12.75 -12.67 3.70
N GLY B 31 -13.87 -12.55 2.99
CA GLY B 31 -14.69 -13.69 2.67
C GLY B 31 -13.90 -14.92 2.23
N PRO B 32 -13.12 -14.78 1.16
CA PRO B 32 -12.36 -15.93 0.63
C PRO B 32 -11.26 -16.41 1.56
N LEU B 33 -10.86 -15.59 2.54
CA LEU B 33 -9.84 -15.95 3.51
C LEU B 33 -10.40 -16.63 4.75
N MET B 34 -11.73 -16.65 4.92
CA MET B 34 -12.29 -17.12 6.17
C MET B 34 -11.94 -18.55 6.52
N PRO B 35 -11.78 -19.48 5.57
CA PRO B 35 -11.33 -20.83 5.98
C PRO B 35 -10.00 -20.83 6.72
N LEU B 36 -9.05 -19.95 6.36
CA LEU B 36 -7.81 -19.89 7.12
C LEU B 36 -8.08 -19.58 8.60
N TYR B 37 -8.83 -18.51 8.86
CA TYR B 37 -9.16 -18.16 10.24
C TYR B 37 -9.93 -19.27 10.92
N GLU B 38 -10.86 -19.92 10.21
CA GLU B 38 -11.55 -21.06 10.82
C GLU B 38 -10.56 -22.13 11.26
N ALA B 39 -9.53 -22.39 10.46
CA ALA B 39 -8.53 -23.38 10.83
C ALA B 39 -7.68 -22.91 12.01
N ILE B 40 -7.26 -21.64 11.99
CA ILE B 40 -6.44 -21.12 13.08
C ILE B 40 -7.18 -21.22 14.41
N PHE B 41 -8.39 -20.69 14.48
CA PHE B 41 -9.14 -20.72 15.73
C PHE B 41 -9.48 -22.15 16.16
N SER B 42 -9.58 -23.11 15.23
CA SER B 42 -9.79 -24.49 15.64
C SER B 42 -8.56 -25.09 16.32
N ARG B 43 -7.36 -24.63 15.98
CA ARG B 43 -6.16 -25.27 16.48
C ARG B 43 -5.69 -24.71 17.80
N LYS B 44 -6.09 -23.51 18.15
CA LYS B 44 -5.70 -22.89 19.37
C LYS B 44 -4.20 -22.94 19.68
N LYS B 45 -3.36 -22.57 18.74
CA LYS B 45 -1.93 -22.54 18.90
C LYS B 45 -1.42 -21.24 18.31
N ILE B 46 -1.49 -21.07 17.01
CA ILE B 46 -1.09 -19.83 16.40
C ILE B 46 -2.17 -18.83 16.72
N GLN B 47 -1.81 -17.62 17.08
CA GLN B 47 -2.81 -16.62 17.43
C GLN B 47 -2.93 -15.58 16.32
N PRO B 48 -4.15 -15.33 15.83
CA PRO B 48 -4.33 -14.27 14.84
C PRO B 48 -4.29 -12.90 15.50
N ILE B 49 -3.69 -11.94 14.80
CA ILE B 49 -3.61 -10.56 15.25
C ILE B 49 -4.30 -9.70 14.18
N LEU B 50 -5.45 -9.13 14.51
CA LEU B 50 -6.16 -8.25 13.59
C LEU B 50 -5.49 -6.88 13.56
N THR B 51 -5.07 -6.43 12.37
CA THR B 51 -4.47 -5.11 12.24
C THR B 51 -5.46 -4.11 11.63
N LYS B 52 -5.03 -2.85 11.56
CA LYS B 52 -5.89 -1.81 10.99
C LYS B 52 -5.71 -1.71 9.47
N HIS B 53 -4.54 -2.12 8.95
CA HIS B 53 -4.21 -2.03 7.53
C HIS B 53 -3.29 -3.20 7.22
N GLU B 54 -3.46 -3.82 6.05
CA GLU B 54 -2.65 -5.00 5.73
C GLU B 54 -1.17 -4.63 5.58
N GLU B 55 -0.88 -3.37 5.23
CA GLU B 55 0.51 -2.93 5.26
C GLU B 55 1.06 -3.02 6.68
N GLY B 56 0.25 -2.62 7.66
CA GLY B 56 0.66 -2.78 9.05
C GLY B 56 0.91 -4.23 9.39
N ALA B 57 0.06 -5.14 8.90
CA ALA B 57 0.27 -6.56 9.17
C ALA B 57 1.60 -7.05 8.59
N ALA B 58 1.90 -6.68 7.34
CA ALA B 58 3.19 -7.06 6.75
C ALA B 58 4.37 -6.49 7.53
N PHE B 59 4.27 -5.21 7.96
CA PHE B 59 5.31 -4.63 8.80
C PHE B 59 5.45 -5.41 10.11
N MET B 60 4.34 -5.77 10.74
CA MET B 60 4.42 -6.47 12.01
C MET B 60 5.07 -7.83 11.85
N ALA B 61 4.71 -8.56 10.78
CA ALA B 61 5.32 -9.86 10.55
C ALA B 61 6.81 -9.70 10.29
N GLU B 62 7.19 -8.63 9.60
CA GLU B 62 8.60 -8.34 9.38
C GLU B 62 9.31 -8.03 10.71
N GLY B 63 8.68 -7.23 11.58
CA GLY B 63 9.27 -6.97 12.87
C GLY B 63 9.36 -8.22 13.72
N TYR B 64 8.31 -9.04 13.71
CA TYR B 64 8.35 -10.31 14.44
C TYR B 64 9.50 -11.17 13.97
N ALA B 65 9.64 -11.32 12.64
CA ALA B 65 10.68 -12.18 12.09
C ALA B 65 12.08 -11.69 12.49
N ARG B 66 12.34 -10.39 12.36
CA ARG B 66 13.68 -9.89 12.66
C ARG B 66 14.04 -10.09 14.12
N VAL B 67 13.09 -9.89 15.03
CA VAL B 67 13.42 -9.99 16.45
C VAL B 67 13.49 -11.45 16.89
N SER B 68 12.56 -12.27 16.40
CA SER B 68 12.50 -13.67 16.81
C SER B 68 13.58 -14.51 16.16
N GLY B 69 14.11 -14.06 15.02
CA GLY B 69 14.93 -14.94 14.21
C GLY B 69 14.18 -16.09 13.58
N LYS B 70 12.84 -16.04 13.57
CA LYS B 70 11.98 -17.08 13.01
C LYS B 70 11.21 -16.50 11.81
N LEU B 71 10.31 -17.31 11.26
CA LEU B 71 9.45 -16.89 10.15
C LEU B 71 8.31 -16.00 10.66
N GLY B 72 8.07 -14.89 9.98
CA GLY B 72 6.90 -14.06 10.23
C GLY B 72 5.82 -14.38 9.21
N VAL B 73 4.57 -14.33 9.63
CA VAL B 73 3.47 -14.71 8.75
C VAL B 73 2.42 -13.61 8.79
N CYS B 74 1.92 -13.19 7.61
CA CYS B 74 0.75 -12.33 7.53
C CYS B 74 -0.24 -12.88 6.51
N CYS B 75 -1.47 -12.34 6.52
CA CYS B 75 -2.46 -12.85 5.59
C CYS B 75 -3.35 -11.69 5.14
N ALA B 76 -3.94 -11.87 3.96
CA ALA B 76 -4.77 -10.83 3.36
C ALA B 76 -5.73 -11.45 2.35
N THR B 77 -6.87 -10.79 2.16
CA THR B 77 -7.90 -11.28 1.27
C THR B 77 -7.55 -11.00 -0.19
N THR B 78 -8.45 -11.38 -1.08
CA THR B 78 -8.27 -11.13 -2.51
C THR B 78 -8.04 -9.65 -2.79
N GLY B 79 -7.47 -9.36 -3.96
CA GLY B 79 -7.50 -8.01 -4.49
C GLY B 79 -6.85 -6.99 -3.59
N PRO B 80 -7.63 -6.03 -3.09
CA PRO B 80 -7.03 -4.88 -2.38
C PRO B 80 -6.45 -5.25 -1.02
N GLY B 81 -6.92 -6.32 -0.38
CA GLY B 81 -6.26 -6.77 0.83
C GLY B 81 -4.79 -7.08 0.57
N ALA B 82 -4.54 -7.92 -0.42
CA ALA B 82 -3.18 -8.32 -0.78
C ALA B 82 -2.35 -7.13 -1.28
N THR B 83 -2.91 -6.29 -2.15
CA THR B 83 -2.09 -5.19 -2.67
C THR B 83 -1.71 -4.22 -1.56
N ASN B 84 -2.56 -4.09 -0.52
CA ASN B 84 -2.23 -3.24 0.62
C ASN B 84 -1.00 -3.73 1.38
N ALA B 85 -0.69 -5.02 1.30
CA ALA B 85 0.45 -5.57 2.02
C ALA B 85 1.78 -5.35 1.30
N LEU B 86 1.75 -4.88 0.05
CA LEU B 86 2.92 -4.98 -0.82
C LEU B 86 4.13 -4.25 -0.26
N THR B 87 3.94 -3.02 0.20
CA THR B 87 5.10 -2.27 0.71
C THR B 87 5.81 -3.02 1.83
N GLY B 88 5.05 -3.62 2.76
CA GLY B 88 5.70 -4.37 3.84
C GLY B 88 6.50 -5.55 3.32
N ILE B 89 5.95 -6.29 2.36
CA ILE B 89 6.65 -7.41 1.76
C ILE B 89 7.86 -6.91 0.98
N ALA B 90 7.73 -5.76 0.33
CA ALA B 90 8.89 -5.23 -0.39
C ALA B 90 10.01 -4.87 0.57
N CYS B 91 9.65 -4.37 1.77
CA CYS B 91 10.64 -4.12 2.81
C CYS B 91 11.33 -5.40 3.24
N ALA B 92 10.53 -6.44 3.48
CA ALA B 92 11.10 -7.73 3.85
C ALA B 92 12.06 -8.22 2.78
N TYR B 93 11.69 -8.02 1.53
CA TYR B 93 12.57 -8.38 0.42
C TYR B 93 13.88 -7.60 0.49
N SER B 94 13.80 -6.29 0.71
CA SER B 94 15.00 -5.45 0.69
C SER B 94 15.89 -5.71 1.91
N ASP B 95 15.32 -6.18 3.00
CA ASP B 95 16.08 -6.45 4.21
C ASP B 95 16.37 -7.94 4.42
N SER B 96 16.04 -8.78 3.44
CA SER B 96 16.29 -10.23 3.54
C SER B 96 15.64 -10.84 4.79
N THR B 97 14.35 -10.55 4.99
CA THR B 97 13.61 -11.07 6.16
C THR B 97 12.64 -12.16 5.74
N PRO B 98 12.61 -13.31 6.42
CA PRO B 98 11.68 -14.36 5.99
C PRO B 98 10.25 -14.08 6.44
N VAL B 99 9.42 -13.53 5.54
CA VAL B 99 8.01 -13.27 5.83
C VAL B 99 7.19 -14.04 4.81
N LEU B 100 6.22 -14.82 5.28
CA LEU B 100 5.28 -15.53 4.41
C LEU B 100 3.96 -14.75 4.38
N LEU B 101 3.55 -14.34 3.18
CA LEU B 101 2.24 -13.69 2.97
C LEU B 101 1.28 -14.71 2.36
N LEU B 102 0.19 -14.97 3.06
CA LEU B 102 -0.89 -15.84 2.60
C LEU B 102 -2.03 -14.97 2.08
N THR B 103 -2.37 -15.12 0.80
CA THR B 103 -3.47 -14.36 0.22
C THR B 103 -4.54 -15.30 -0.29
N ALA B 104 -5.78 -14.81 -0.29
CA ALA B 104 -6.89 -15.57 -0.83
C ALA B 104 -7.02 -15.33 -2.33
N GLN B 105 -7.69 -16.27 -2.97
CA GLN B 105 -8.04 -16.26 -4.39
C GLN B 105 -9.49 -16.72 -4.49
N VAL B 106 -10.20 -16.23 -5.51
CA VAL B 106 -11.59 -16.65 -5.73
C VAL B 106 -11.61 -18.12 -6.13
N GLY B 107 -12.79 -18.72 -6.13
CA GLY B 107 -12.92 -20.10 -6.54
C GLY B 107 -12.57 -20.30 -8.01
N THR B 108 -11.97 -21.45 -8.30
CA THR B 108 -11.56 -21.79 -9.65
C THR B 108 -12.69 -21.63 -10.67
N ALA B 109 -13.92 -21.98 -10.28
CA ALA B 109 -15.06 -21.94 -11.19
C ALA B 109 -15.39 -20.53 -11.68
N ALA B 110 -14.84 -19.50 -11.04
CA ALA B 110 -15.15 -18.12 -11.41
C ALA B 110 -14.03 -17.45 -12.21
N PHE B 111 -12.92 -18.16 -12.47
CA PHE B 111 -11.80 -17.56 -13.19
C PHE B 111 -12.25 -17.06 -14.56
N GLY B 112 -11.95 -15.79 -14.84
CA GLY B 112 -12.21 -15.21 -16.13
C GLY B 112 -13.64 -14.77 -16.36
N LYS B 113 -14.49 -14.76 -15.32
CA LYS B 113 -15.88 -14.33 -15.45
C LYS B 113 -16.15 -12.98 -14.83
N GLY B 114 -15.17 -12.39 -14.15
CA GLY B 114 -15.41 -11.15 -13.43
C GLY B 114 -15.80 -11.39 -11.98
N ALA B 115 -15.07 -12.29 -11.33
CA ALA B 115 -15.33 -12.58 -9.91
C ALA B 115 -15.04 -11.36 -9.04
N LEU B 116 -15.70 -11.33 -7.89
CA LEU B 116 -15.49 -10.26 -6.92
C LEU B 116 -14.02 -10.24 -6.50
N GLN B 117 -13.37 -9.10 -6.71
CA GLN B 117 -11.95 -8.95 -6.40
C GLN B 117 -11.11 -10.04 -7.08
N GLU B 118 -11.53 -10.48 -8.28
CA GLU B 118 -10.79 -11.53 -8.96
C GLU B 118 -9.30 -11.19 -9.01
N SER B 119 -8.47 -12.14 -8.63
CA SER B 119 -7.05 -11.89 -8.41
C SER B 119 -6.18 -12.79 -9.30
N THR B 120 -6.70 -13.12 -10.46
CA THR B 120 -6.03 -13.86 -11.51
C THR B 120 -5.46 -12.93 -12.56
N VAL B 121 -4.87 -13.53 -13.59
CA VAL B 121 -4.40 -12.77 -14.75
C VAL B 121 -5.57 -12.02 -15.40
N HIS B 122 -6.80 -12.53 -15.26
CA HIS B 122 -7.95 -11.85 -15.85
C HIS B 122 -8.46 -10.69 -15.00
N GLY B 123 -7.94 -10.52 -13.79
CA GLY B 123 -8.38 -9.42 -12.95
C GLY B 123 -7.20 -8.63 -12.43
N VAL B 124 -6.97 -8.70 -11.12
CA VAL B 124 -5.82 -8.08 -10.47
C VAL B 124 -4.86 -9.22 -10.12
N ASP B 125 -3.77 -9.35 -10.91
CA ASP B 125 -2.97 -10.59 -10.93
C ASP B 125 -1.93 -10.57 -9.81
N LEU B 126 -2.35 -11.01 -8.62
CA LEU B 126 -1.50 -10.90 -7.42
C LEU B 126 -0.20 -11.70 -7.57
N VAL B 127 -0.25 -12.86 -8.20
CA VAL B 127 0.97 -13.66 -8.34
C VAL B 127 2.04 -12.88 -9.09
N SER B 128 1.64 -12.21 -10.20
CA SER B 128 2.56 -11.41 -10.99
C SER B 128 2.98 -10.14 -10.26
N ILE B 129 2.06 -9.48 -9.56
CA ILE B 129 2.41 -8.24 -8.87
C ILE B 129 3.49 -8.50 -7.81
N PHE B 130 3.40 -9.65 -7.13
CA PHE B 130 4.34 -9.97 -6.06
C PHE B 130 5.62 -10.65 -6.55
N SER B 131 5.64 -11.19 -7.77
CA SER B 131 6.84 -11.87 -8.24
C SER B 131 8.14 -11.06 -8.09
N PRO B 132 8.19 -9.76 -8.41
CA PRO B 132 9.49 -9.04 -8.32
C PRO B 132 10.02 -8.85 -6.90
N ILE B 133 9.19 -8.94 -5.85
CA ILE B 133 9.68 -8.64 -4.50
C ILE B 133 9.45 -9.81 -3.54
N THR B 134 9.46 -11.02 -4.08
CA THR B 134 9.42 -12.23 -3.26
C THR B 134 10.41 -13.22 -3.87
N LYS B 135 10.91 -14.13 -3.04
CA LYS B 135 11.70 -15.23 -3.56
C LYS B 135 10.83 -16.22 -4.31
N LEU B 136 9.53 -16.27 -3.99
CA LEU B 136 8.59 -17.18 -4.62
C LEU B 136 7.20 -16.59 -4.46
N SER B 137 6.45 -16.54 -5.57
CA SER B 137 5.06 -16.06 -5.63
C SER B 137 4.30 -17.08 -6.46
N VAL B 138 3.32 -17.75 -5.88
CA VAL B 138 2.70 -18.86 -6.58
C VAL B 138 1.30 -19.09 -6.04
N MET B 139 0.43 -19.61 -6.90
CA MET B 139 -0.92 -20.00 -6.49
C MET B 139 -0.94 -21.50 -6.27
N ILE B 140 -1.48 -21.93 -5.13
CA ILE B 140 -1.70 -23.36 -4.93
C ILE B 140 -2.71 -23.84 -5.97
N PRO B 141 -2.33 -24.76 -6.83
CA PRO B 141 -3.25 -25.20 -7.90
C PRO B 141 -4.32 -26.17 -7.42
N THR B 142 -3.96 -27.13 -6.56
CA THR B 142 -4.93 -28.11 -6.07
C THR B 142 -4.71 -28.32 -4.58
N ALA B 143 -5.74 -28.86 -3.93
CA ALA B 143 -5.61 -29.17 -2.51
C ALA B 143 -4.49 -30.17 -2.28
N GLU B 144 -4.37 -31.16 -3.16
CA GLU B 144 -3.35 -32.19 -3.01
C GLU B 144 -1.94 -31.62 -2.98
N LYS B 145 -1.73 -30.43 -3.55
CA LYS B 145 -0.43 -29.79 -3.61
C LYS B 145 -0.15 -28.87 -2.42
N MET B 146 -1.12 -28.67 -1.53
CA MET B 146 -0.92 -27.76 -0.40
C MET B 146 0.35 -28.10 0.38
N GLY B 147 0.50 -29.36 0.79
CA GLY B 147 1.68 -29.80 1.50
C GLY B 147 3.00 -29.44 0.82
N GLU B 148 3.17 -29.89 -0.43
CA GLU B 148 4.43 -29.65 -1.14
C GLU B 148 4.70 -28.15 -1.30
N MET B 149 3.66 -27.38 -1.64
CA MET B 149 3.85 -25.95 -1.85
C MET B 149 4.18 -25.24 -0.54
N THR B 150 3.59 -25.67 0.58
CA THR B 150 3.89 -25.02 1.85
C THR B 150 5.34 -25.27 2.27
N ARG B 151 5.77 -26.52 2.19
CA ARG B 151 7.16 -26.82 2.51
C ARG B 151 8.11 -26.06 1.59
N ARG B 152 7.77 -25.97 0.29
CA ARG B 152 8.57 -25.20 -0.65
C ARG B 152 8.69 -23.76 -0.20
N ALA B 153 7.57 -23.14 0.15
CA ALA B 153 7.60 -21.76 0.63
C ALA B 153 8.49 -21.63 1.87
N LEU B 154 8.34 -22.54 2.82
CA LEU B 154 9.12 -22.44 4.05
C LEU B 154 10.59 -22.72 3.80
N ARG B 155 10.90 -23.67 2.92
CA ARG B 155 12.30 -23.91 2.55
C ARG B 155 12.90 -22.71 1.84
N THR B 156 12.14 -22.10 0.92
CA THR B 156 12.68 -21.00 0.12
C THR B 156 12.93 -19.76 0.97
N ALA B 157 11.99 -19.44 1.88
CA ALA B 157 12.10 -18.22 2.67
C ALA B 157 13.34 -18.22 3.56
N GLN B 158 13.72 -19.39 4.09
CA GLN B 158 14.72 -19.47 5.13
C GLN B 158 16.03 -20.11 4.68
N SER B 159 16.16 -20.43 3.39
CA SER B 159 17.39 -20.99 2.86
C SER B 159 18.11 -19.94 2.01
N GLY B 160 19.43 -20.08 1.89
CA GLY B 160 20.18 -19.06 1.17
C GLY B 160 19.99 -17.70 1.81
N ARG B 161 19.91 -16.67 0.98
CA ARG B 161 19.60 -15.33 1.46
C ARG B 161 18.13 -15.29 1.85
N PRO B 162 17.78 -15.10 3.11
CA PRO B 162 16.38 -15.19 3.52
C PRO B 162 15.54 -14.12 2.82
N GLY B 163 14.24 -14.37 2.70
CA GLY B 163 13.38 -13.45 2.02
C GLY B 163 11.92 -13.84 2.09
N PRO B 164 11.02 -12.97 1.63
CA PRO B 164 9.58 -13.23 1.74
C PRO B 164 9.03 -14.09 0.61
N ILE B 165 7.87 -14.70 0.90
CA ILE B 165 7.16 -15.60 0.01
C ILE B 165 5.71 -15.12 -0.09
N HIS B 166 5.12 -15.31 -1.27
CA HIS B 166 3.69 -15.06 -1.49
C HIS B 166 3.02 -16.37 -1.89
N LEU B 167 2.09 -16.83 -1.08
CA LEU B 167 1.31 -18.04 -1.36
C LEU B 167 -0.14 -17.64 -1.52
N ASN B 168 -0.70 -17.94 -2.69
CA ASN B 168 -2.05 -17.52 -3.05
C ASN B 168 -2.97 -18.74 -3.08
N ILE B 169 -4.09 -18.68 -2.39
CA ILE B 169 -4.86 -19.88 -2.03
C ILE B 169 -6.31 -19.77 -2.51
N PRO B 170 -6.70 -20.52 -3.53
CA PRO B 170 -8.10 -20.49 -3.97
C PRO B 170 -9.06 -20.95 -2.89
N ALA B 171 -10.16 -20.21 -2.72
CA ALA B 171 -11.08 -20.47 -1.63
C ALA B 171 -11.74 -21.84 -1.71
N ASP B 172 -11.81 -22.45 -2.90
CA ASP B 172 -12.48 -23.75 -2.98
C ASP B 172 -11.56 -24.90 -2.60
N ILE B 173 -10.26 -24.80 -2.88
CA ILE B 173 -9.36 -25.87 -2.43
C ILE B 173 -9.12 -25.82 -0.93
N ALA B 174 -9.30 -24.66 -0.30
CA ALA B 174 -8.87 -24.46 1.08
C ALA B 174 -9.50 -25.47 2.03
N LYS B 175 -10.70 -25.96 1.72
CA LYS B 175 -11.39 -26.88 2.62
C LYS B 175 -11.54 -28.28 2.04
N HIS B 176 -10.83 -28.60 0.96
CA HIS B 176 -10.82 -29.97 0.47
C HIS B 176 -10.00 -30.86 1.40
N PRO B 177 -10.40 -32.11 1.58
CA PRO B 177 -9.64 -33.02 2.44
C PRO B 177 -8.31 -33.39 1.81
N VAL B 178 -7.30 -33.56 2.66
CA VAL B 178 -5.99 -34.03 2.21
C VAL B 178 -5.35 -34.88 3.30
N PRO B 179 -4.48 -35.81 2.93
CA PRO B 179 -3.77 -36.61 3.94
C PRO B 179 -3.03 -35.72 4.92
N LEU B 180 -3.15 -36.05 6.21
CA LEU B 180 -2.50 -35.26 7.27
C LEU B 180 -1.03 -35.66 7.35
N GLU B 181 -0.16 -34.89 6.69
CA GLU B 181 1.27 -35.19 6.68
C GLU B 181 2.05 -33.90 6.91
N VAL B 182 2.58 -33.76 8.13
CA VAL B 182 3.36 -32.63 8.57
C VAL B 182 4.77 -33.14 8.84
N PHE B 183 5.79 -32.37 8.45
CA PHE B 183 7.18 -32.78 8.67
C PHE B 183 7.93 -31.78 9.55
N PRO B 184 8.91 -32.25 10.32
CA PRO B 184 9.80 -31.31 10.99
C PRO B 184 10.60 -30.53 9.97
N PRO B 185 11.00 -29.30 10.31
CA PRO B 185 11.70 -28.48 9.31
C PRO B 185 12.99 -29.10 8.76
N MET B 186 13.72 -29.92 9.52
CA MET B 186 14.99 -30.43 9.02
C MET B 186 14.81 -31.33 7.80
N ASN B 187 13.62 -31.93 7.65
CA ASN B 187 13.43 -32.90 6.58
C ASN B 187 13.16 -32.29 5.22
N TYR B 188 12.80 -31.00 5.12
CA TYR B 188 12.50 -30.40 3.82
C TYR B 188 13.29 -29.14 3.52
N ARG B 189 14.35 -28.84 4.28
CA ARG B 189 15.29 -27.80 3.89
C ARG B 189 16.67 -28.21 4.40
N GLY B 190 17.71 -27.69 3.74
CA GLY B 190 19.08 -28.05 4.05
C GLY B 190 19.76 -27.08 5.01
N GLY B 191 21.00 -27.42 5.35
CA GLY B 191 21.75 -26.63 6.31
C GLY B 191 22.43 -25.44 5.65
N LYS B 192 23.37 -24.90 6.35
CA LYS B 192 24.02 -23.68 5.88
C LYS B 192 25.38 -24.00 5.26
N PRO B 193 25.78 -23.25 4.22
CA PRO B 193 27.11 -23.47 3.63
C PRO B 193 28.21 -22.91 4.51
N ALA B 194 29.35 -23.60 4.49
CA ALA B 194 30.58 -23.20 5.19
C ALA B 194 31.65 -22.77 4.18
N PRO B 195 32.71 -22.11 4.64
CA PRO B 195 33.85 -21.81 3.77
C PRO B 195 34.74 -23.03 3.57
N THR B 196 35.52 -23.01 2.49
CA THR B 196 36.48 -24.08 2.29
C THR B 196 37.65 -23.93 3.27
N ILE B 197 38.30 -25.07 3.56
CA ILE B 197 39.46 -25.04 4.44
C ILE B 197 40.53 -24.10 3.90
N MET B 198 40.74 -24.11 2.58
CA MET B 198 41.81 -23.28 2.01
C MET B 198 41.48 -21.81 2.14
N ASP B 199 40.20 -21.45 2.01
CA ASP B 199 39.84 -20.06 2.22
C ASP B 199 40.02 -19.66 3.68
N VAL B 200 39.63 -20.54 4.60
CA VAL B 200 39.89 -20.28 6.00
C VAL B 200 41.38 -20.04 6.25
N VAL B 201 42.22 -20.94 5.72
CA VAL B 201 43.65 -20.82 5.93
C VAL B 201 44.17 -19.52 5.34
N ARG B 202 43.67 -19.14 4.15
CA ARG B 202 44.19 -17.94 3.51
C ARG B 202 43.78 -16.67 4.26
N VAL B 203 42.56 -16.65 4.80
CA VAL B 203 42.16 -15.48 5.59
C VAL B 203 42.98 -15.40 6.88
N ALA B 204 43.16 -16.54 7.56
CA ALA B 204 43.96 -16.53 8.79
C ALA B 204 45.35 -16.01 8.51
N GLU B 205 45.94 -16.38 7.37
CA GLU B 205 47.27 -15.89 7.02
C GLU B 205 47.26 -14.40 6.74
N LEU B 206 46.22 -13.89 6.06
CA LEU B 206 46.11 -12.45 5.82
C LEU B 206 46.01 -11.70 7.14
N ILE B 207 45.28 -12.27 8.11
CA ILE B 207 45.13 -11.63 9.41
C ILE B 207 46.44 -11.63 10.17
N PHE B 208 47.17 -12.76 10.13
CA PHE B 208 48.39 -12.86 10.92
C PHE B 208 49.42 -11.83 10.49
N HIS B 209 49.48 -11.52 9.20
CA HIS B 209 50.47 -10.61 8.66
C HIS B 209 49.98 -9.17 8.53
N ALA B 210 48.67 -8.93 8.65
CA ALA B 210 48.13 -7.59 8.48
C ALA B 210 48.63 -6.67 9.60
N LYS B 211 48.95 -5.42 9.24
CA LYS B 211 49.39 -4.48 10.24
C LYS B 211 48.30 -3.49 10.66
N ARG B 212 47.20 -3.40 9.91
CA ARG B 212 46.07 -2.56 10.29
C ARG B 212 44.79 -3.16 9.70
N PRO B 213 44.36 -4.31 10.22
CA PRO B 213 43.14 -4.93 9.73
C PRO B 213 41.90 -4.19 10.22
N ALA B 214 40.77 -4.46 9.56
CA ALA B 214 39.48 -3.92 9.98
C ALA B 214 38.38 -4.83 9.50
N ILE B 215 37.25 -4.80 10.24
CA ILE B 215 36.03 -5.54 9.91
C ILE B 215 34.92 -4.54 9.65
N LEU B 216 34.18 -4.77 8.57
CA LEU B 216 32.91 -4.08 8.30
C LEU B 216 31.81 -5.13 8.39
N ALA B 217 31.03 -5.09 9.45
CA ALA B 217 29.95 -6.04 9.68
C ALA B 217 28.62 -5.43 9.25
N GLY B 218 27.85 -6.16 8.45
CA GLY B 218 26.56 -5.71 7.99
C GLY B 218 25.42 -6.49 8.61
N HIS B 219 24.22 -6.20 8.10
CA HIS B 219 22.98 -6.82 8.55
C HIS B 219 22.99 -8.34 8.41
N GLY B 220 23.82 -8.91 7.53
CA GLY B 220 23.94 -10.36 7.47
C GLY B 220 24.33 -10.98 8.81
N ILE B 221 24.97 -10.20 9.69
CA ILE B 221 25.27 -10.72 11.02
C ILE B 221 23.98 -11.12 11.74
N GLU B 222 22.96 -10.27 11.69
CA GLU B 222 21.69 -10.67 12.31
C GLU B 222 21.09 -11.86 11.59
N CYS B 223 21.11 -11.83 10.25
CA CYS B 223 20.51 -12.91 9.49
C CYS B 223 21.13 -14.25 9.88
N ALA B 224 22.43 -14.25 10.13
CA ALA B 224 23.17 -15.44 10.51
C ALA B 224 23.16 -15.72 12.01
N LYS B 225 22.58 -14.83 12.82
CA LYS B 225 22.67 -15.00 14.28
C LYS B 225 24.12 -15.20 14.71
N ALA B 226 25.00 -14.39 14.13
CA ALA B 226 26.45 -14.56 14.31
C ALA B 226 27.05 -13.61 15.34
N TRP B 227 26.25 -13.04 16.23
CA TRP B 227 26.76 -12.01 17.16
C TRP B 227 27.91 -12.54 18.01
N GLU B 228 27.71 -13.66 18.68
CA GLU B 228 28.78 -14.00 19.62
C GLU B 228 30.01 -14.55 18.89
N GLU B 229 29.83 -15.17 17.73
CA GLU B 229 31.00 -15.57 16.93
C GLU B 229 31.76 -14.34 16.45
N LEU B 230 31.06 -13.28 16.04
CA LEU B 230 31.74 -12.06 15.63
C LEU B 230 32.51 -11.45 16.80
N LEU B 231 31.89 -11.38 17.98
CA LEU B 231 32.56 -10.78 19.13
C LEU B 231 33.80 -11.58 19.52
N ASP B 232 33.64 -12.90 19.63
CA ASP B 232 34.80 -13.76 19.94
C ASP B 232 35.89 -13.61 18.88
N PHE B 233 35.50 -13.60 17.60
CA PHE B 233 36.49 -13.47 16.53
C PHE B 233 37.27 -12.17 16.66
N ALA B 234 36.57 -11.07 16.92
CA ALA B 234 37.26 -9.78 17.01
C ALA B 234 38.17 -9.73 18.24
N GLU B 235 37.70 -10.23 19.38
CA GLU B 235 38.54 -10.22 20.57
C GLU B 235 39.73 -11.15 20.42
N LEU B 236 39.54 -12.31 19.78
CA LEU B 236 40.65 -13.24 19.57
C LEU B 236 41.75 -12.62 18.71
N THR B 237 41.38 -11.79 17.74
CA THR B 237 42.32 -11.21 16.78
C THR B 237 42.71 -9.77 17.06
N GLY B 238 42.02 -9.08 17.97
CA GLY B 238 42.25 -7.65 18.10
C GLY B 238 41.77 -6.79 16.94
N ILE B 239 41.00 -7.33 15.99
CA ILE B 239 40.59 -6.55 14.82
C ILE B 239 39.41 -5.64 15.16
N PRO B 240 39.51 -4.33 14.93
CA PRO B 240 38.38 -3.43 15.21
C PRO B 240 37.23 -3.61 14.23
N VAL B 241 36.02 -3.34 14.72
CA VAL B 241 34.79 -3.67 14.00
C VAL B 241 34.01 -2.38 13.78
N ALA B 242 33.74 -2.07 12.52
CA ALA B 242 32.71 -1.11 12.17
C ALA B 242 31.48 -1.86 11.70
N THR B 243 30.32 -1.21 11.78
CA THR B 243 29.11 -1.76 11.19
C THR B 243 28.55 -0.81 10.14
N THR B 244 27.76 -1.38 9.23
CA THR B 244 26.92 -0.57 8.37
C THR B 244 25.84 0.10 9.22
N PRO B 245 25.14 1.10 8.69
CA PRO B 245 24.00 1.66 9.43
C PRO B 245 22.94 0.63 9.78
N LYS B 246 22.50 -0.19 8.82
CA LYS B 246 21.52 -1.23 9.13
C LYS B 246 22.12 -2.29 10.03
N GLY B 247 23.41 -2.45 9.92
CA GLY B 247 24.12 -3.41 10.71
C GLY B 247 24.35 -2.99 12.16
N LYS B 248 23.92 -1.81 12.54
CA LYS B 248 24.03 -1.34 13.91
C LYS B 248 23.35 -2.31 14.85
N SER B 249 24.09 -2.62 15.91
CA SER B 249 23.88 -3.59 17.00
C SER B 249 24.45 -4.97 16.75
N SER B 250 25.19 -5.13 15.67
CA SER B 250 25.85 -6.37 15.36
C SER B 250 27.04 -6.54 16.27
N PHE B 251 27.63 -5.46 16.72
CA PHE B 251 28.75 -5.45 17.60
C PHE B 251 28.50 -4.43 18.70
N PRO B 252 28.83 -4.75 19.95
CA PRO B 252 28.54 -3.81 21.06
C PRO B 252 29.33 -2.52 20.89
N GLU B 253 28.63 -1.39 20.82
CA GLU B 253 29.30 -0.13 20.53
C GLU B 253 30.04 0.46 21.72
N ASN B 254 29.88 -0.11 22.91
CA ASN B 254 30.69 0.26 24.07
C ASN B 254 31.96 -0.58 24.20
N HIS B 255 32.22 -1.46 23.25
CA HIS B 255 33.38 -2.33 23.30
C HIS B 255 34.63 -1.59 22.80
N ALA B 256 35.77 -1.94 23.38
CA ALA B 256 37.03 -1.26 23.01
C ALA B 256 37.37 -1.43 21.53
N LEU B 257 36.87 -2.46 20.87
CA LEU B 257 37.17 -2.70 19.47
C LEU B 257 36.15 -2.07 18.52
N SER B 258 35.11 -1.41 19.02
CA SER B 258 34.03 -0.90 18.19
C SER B 258 34.43 0.44 17.56
N LEU B 259 34.36 0.51 16.23
CA LEU B 259 34.58 1.76 15.52
C LEU B 259 33.30 2.57 15.32
N GLY B 260 32.15 2.03 15.73
CA GLY B 260 30.90 2.69 15.44
C GLY B 260 30.42 2.36 14.03
N VAL B 261 29.52 3.20 13.54
CA VAL B 261 28.89 3.01 12.24
C VAL B 261 29.75 3.69 11.17
N PHE B 262 30.03 2.95 10.11
CA PHE B 262 30.62 3.51 8.92
C PHE B 262 29.52 3.76 7.91
N GLY B 263 29.50 4.97 7.34
CA GLY B 263 28.57 5.30 6.28
C GLY B 263 27.61 6.40 6.69
N PHE B 264 26.43 6.37 6.09
CA PHE B 264 25.47 7.43 6.28
C PHE B 264 25.15 7.63 7.76
N ALA B 265 25.22 8.88 8.21
CA ALA B 265 25.03 9.27 9.61
C ALA B 265 26.04 8.62 10.55
N GLY B 266 27.13 8.09 10.00
CA GLY B 266 28.09 7.34 10.79
C GLY B 266 29.04 8.22 11.60
N HIS B 267 30.01 7.55 12.20
CA HIS B 267 30.91 8.16 13.17
C HIS B 267 32.26 8.45 12.54
N GLN B 268 32.80 9.63 12.89
CA GLN B 268 34.09 10.06 12.37
C GLN B 268 35.16 8.99 12.62
N LYS B 269 35.09 8.33 13.76
CA LYS B 269 36.08 7.31 14.11
C LYS B 269 36.06 6.16 13.10
N ALA B 270 34.89 5.74 12.62
CA ALA B 270 34.84 4.70 11.59
C ALA B 270 35.32 5.23 10.25
N THR B 271 34.88 6.44 9.87
CA THR B 271 35.34 7.06 8.62
C THR B 271 36.85 7.22 8.59
N ASP B 272 37.43 7.73 9.67
CA ASP B 272 38.88 7.92 9.71
C ASP B 272 39.62 6.60 9.52
N TYR B 273 39.17 5.54 10.20
CA TYR B 273 39.87 4.27 10.14
C TYR B 273 39.83 3.68 8.73
N LEU B 274 38.63 3.65 8.10
CA LEU B 274 38.41 2.85 6.90
C LEU B 274 38.73 3.59 5.61
N LEU B 275 38.65 4.93 5.61
CA LEU B 275 38.97 5.70 4.42
C LEU B 275 40.36 6.35 4.48
N SER B 276 41.05 6.23 5.63
CA SER B 276 42.39 6.81 5.78
C SER B 276 43.35 6.40 4.67
N GLY B 277 43.18 5.18 4.14
CA GLY B 277 44.17 4.59 3.28
C GLY B 277 45.14 3.68 4.00
N ASP B 278 45.04 3.59 5.32
CA ASP B 278 45.98 2.80 6.11
C ASP B 278 45.57 1.35 6.29
N VAL B 279 44.28 1.02 6.16
CA VAL B 279 43.84 -0.35 6.36
C VAL B 279 44.42 -1.22 5.25
N ASP B 280 45.14 -2.28 5.64
CA ASP B 280 45.66 -3.20 4.61
C ASP B 280 44.75 -4.39 4.36
N VAL B 281 44.09 -4.93 5.37
CA VAL B 281 43.17 -6.07 5.21
C VAL B 281 41.80 -5.65 5.73
N LEU B 282 40.82 -5.63 4.83
CA LEU B 282 39.44 -5.31 5.18
C LEU B 282 38.60 -6.55 5.01
N ILE B 283 37.86 -6.91 6.04
CA ILE B 283 36.96 -8.07 6.01
C ILE B 283 35.54 -7.54 6.06
N VAL B 284 34.81 -7.72 4.96
CA VAL B 284 33.39 -7.35 4.89
C VAL B 284 32.56 -8.60 5.13
N ILE B 285 31.69 -8.56 6.15
CA ILE B 285 30.89 -9.72 6.55
C ILE B 285 29.42 -9.35 6.46
N GLY B 286 28.71 -9.95 5.51
CA GLY B 286 27.27 -9.77 5.44
C GLY B 286 26.81 -8.36 5.15
N SER B 287 27.44 -7.68 4.18
CA SER B 287 26.92 -6.41 3.69
C SER B 287 26.85 -6.44 2.17
N SER B 288 25.75 -5.91 1.63
CA SER B 288 25.67 -5.77 0.19
C SER B 288 26.47 -4.58 -0.34
N LEU B 289 27.05 -3.76 0.52
CA LEU B 289 27.93 -2.67 0.07
C LEU B 289 27.20 -1.76 -0.92
N GLY B 290 25.98 -1.38 -0.57
CA GLY B 290 25.24 -0.39 -1.32
C GLY B 290 25.67 1.03 -0.97
N ASP B 291 24.84 1.99 -1.38
CA ASP B 291 25.18 3.42 -1.30
C ASP B 291 25.55 3.83 0.13
N TRP B 292 24.62 3.70 1.07
CA TRP B 292 24.84 4.19 2.43
C TRP B 292 25.88 3.38 3.18
N GLN B 293 26.12 2.13 2.78
CA GLN B 293 27.20 1.33 3.37
C GLN B 293 28.59 1.77 2.95
N THR B 294 28.72 2.59 1.90
CA THR B 294 30.04 2.81 1.33
C THR B 294 30.32 4.28 1.05
N ASN B 295 29.51 5.18 1.59
CA ASN B 295 29.51 6.59 1.20
C ASN B 295 29.53 6.73 -0.33
N SER B 296 28.48 6.22 -0.97
CA SER B 296 28.37 6.22 -2.43
C SER B 296 29.61 5.60 -3.09
N TRP B 297 29.98 4.40 -2.63
CA TRP B 297 30.98 3.61 -3.32
C TRP B 297 32.31 4.37 -3.36
N ASP B 298 32.67 4.94 -2.22
CA ASP B 298 33.93 5.65 -2.11
C ASP B 298 35.08 4.73 -2.48
N PRO B 299 35.92 5.09 -3.46
CA PRO B 299 37.08 4.23 -3.79
C PRO B 299 38.08 4.09 -2.64
N ARG B 300 38.10 5.02 -1.69
CA ARG B 300 39.06 4.89 -0.60
C ARG B 300 38.73 3.74 0.33
N LEU B 301 37.54 3.14 0.23
CA LEU B 301 37.26 1.96 1.03
C LEU B 301 38.15 0.78 0.63
N THR B 302 38.63 0.74 -0.62
CA THR B 302 39.50 -0.34 -1.06
C THR B 302 40.70 -0.46 -0.11
N PRO B 303 40.99 -1.64 0.41
CA PRO B 303 42.14 -1.80 1.29
C PRO B 303 43.44 -1.84 0.50
N SER B 304 44.54 -1.80 1.27
CA SER B 304 45.89 -1.76 0.73
C SER B 304 46.33 -3.11 0.17
N VAL B 305 45.95 -4.23 0.82
CA VAL B 305 46.52 -5.54 0.56
C VAL B 305 45.46 -6.55 0.12
N ALA B 306 44.35 -6.65 0.88
CA ALA B 306 43.32 -7.62 0.50
C ALA B 306 41.94 -7.21 0.99
N LEU B 307 40.95 -7.31 0.11
CA LEU B 307 39.55 -7.21 0.49
C LEU B 307 38.98 -8.63 0.61
N ILE B 308 38.48 -8.98 1.79
CA ILE B 308 37.83 -10.25 2.04
C ILE B 308 36.35 -9.99 2.22
N GLN B 309 35.52 -10.72 1.47
CA GLN B 309 34.08 -10.53 1.57
C GLN B 309 33.43 -11.87 1.80
N ILE B 310 32.62 -11.94 2.85
CA ILE B 310 31.90 -13.14 3.24
C ILE B 310 30.43 -12.86 3.05
N ASP B 311 29.75 -13.65 2.22
CA ASP B 311 28.33 -13.46 2.00
C ASP B 311 27.67 -14.78 1.64
N ILE B 312 26.46 -15.00 2.15
CA ILE B 312 25.71 -16.20 1.77
C ILE B 312 25.16 -16.09 0.33
N ASP B 313 25.07 -14.88 -0.20
CA ASP B 313 24.53 -14.68 -1.55
C ASP B 313 25.69 -14.53 -2.53
N PRO B 314 25.95 -15.50 -3.40
CA PRO B 314 27.12 -15.41 -4.26
C PRO B 314 27.05 -14.24 -5.22
N MET B 315 25.85 -13.72 -5.53
CA MET B 315 25.70 -12.60 -6.45
C MET B 315 26.12 -11.27 -5.85
N GLU B 316 26.31 -11.17 -4.53
CA GLU B 316 26.79 -9.94 -3.91
C GLU B 316 28.31 -9.83 -3.88
N ILE B 317 29.02 -10.94 -4.03
CA ILE B 317 30.47 -10.97 -3.84
C ILE B 317 31.16 -10.36 -5.04
N GLY B 318 31.97 -9.32 -4.81
CA GLY B 318 32.67 -8.62 -5.87
C GLY B 318 31.81 -7.70 -6.70
N LYS B 319 30.60 -7.37 -6.24
CA LYS B 319 29.67 -6.56 -7.02
C LYS B 319 30.20 -5.16 -7.27
N ASN B 320 30.57 -4.44 -6.20
CA ASN B 320 31.01 -3.04 -6.30
C ASN B 320 32.50 -2.84 -6.06
N TYR B 321 33.17 -3.77 -5.39
CA TYR B 321 34.59 -3.70 -5.11
C TYR B 321 35.22 -5.04 -5.48
N PRO B 322 36.37 -5.02 -6.16
CA PRO B 322 37.05 -6.29 -6.45
C PRO B 322 37.52 -6.95 -5.18
N VAL B 323 37.30 -8.25 -5.07
CA VAL B 323 37.62 -9.01 -3.86
C VAL B 323 38.85 -9.87 -4.12
N ASP B 324 39.68 -10.00 -3.09
CA ASP B 324 40.82 -10.90 -3.12
C ASP B 324 40.50 -12.28 -2.55
N VAL B 325 39.72 -12.36 -1.48
CA VAL B 325 39.12 -13.63 -1.05
C VAL B 325 37.61 -13.44 -0.99
N GLY B 326 36.89 -14.20 -1.81
CA GLY B 326 35.44 -14.09 -1.86
C GLY B 326 34.81 -15.35 -1.31
N ILE B 327 34.31 -15.30 -0.09
CA ILE B 327 33.82 -16.48 0.61
C ILE B 327 32.29 -16.50 0.51
N ASN B 328 31.77 -17.51 -0.20
CA ASN B 328 30.33 -17.74 -0.27
C ASN B 328 29.94 -18.71 0.83
N ALA B 329 29.48 -18.17 1.96
CA ALA B 329 29.15 -19.04 3.09
C ALA B 329 28.37 -18.23 4.11
N ASP B 330 27.70 -18.96 5.00
CA ASP B 330 27.04 -18.33 6.13
C ASP B 330 28.06 -17.65 7.05
N ALA B 331 27.69 -16.48 7.58
CA ALA B 331 28.64 -15.69 8.35
C ALA B 331 29.04 -16.38 9.66
N SER B 332 28.09 -17.06 10.30
CA SER B 332 28.40 -17.71 11.56
C SER B 332 29.25 -18.96 11.35
N GLU B 333 28.98 -19.70 10.27
CA GLU B 333 29.83 -20.85 9.95
C GLU B 333 31.24 -20.42 9.58
N THR B 334 31.38 -19.27 8.90
CA THR B 334 32.71 -18.79 8.53
C THR B 334 33.48 -18.33 9.76
N LEU B 335 32.84 -17.55 10.63
CA LEU B 335 33.53 -17.07 11.83
C LEU B 335 33.92 -18.23 12.75
N LYS B 336 33.04 -19.23 12.90
CA LYS B 336 33.41 -20.40 13.70
C LYS B 336 34.67 -21.05 13.17
N ALA B 337 34.73 -21.27 11.85
CA ALA B 337 35.90 -21.88 11.24
C ALA B 337 37.14 -21.03 11.48
N LEU B 338 37.02 -19.72 11.31
CA LEU B 338 38.17 -18.84 11.52
C LEU B 338 38.64 -18.91 12.97
N ILE B 339 37.70 -18.86 13.91
CA ILE B 339 38.09 -18.93 15.32
C ILE B 339 38.83 -20.23 15.59
N LEU B 340 38.29 -21.36 15.12
CA LEU B 340 38.91 -22.65 15.40
C LEU B 340 40.32 -22.73 14.79
N CYS B 341 40.48 -22.25 13.56
CA CYS B 341 41.78 -22.30 12.90
C CYS B 341 42.79 -21.41 13.61
N ILE B 342 42.40 -20.17 13.89
CA ILE B 342 43.30 -19.23 14.54
C ILE B 342 43.66 -19.71 15.94
N ARG B 343 42.66 -20.19 16.70
CA ARG B 343 42.93 -20.64 18.06
C ARG B 343 43.89 -21.83 18.05
N SER B 344 43.55 -22.88 17.31
CA SER B 344 44.41 -24.06 17.26
C SER B 344 45.78 -23.71 16.72
N SER B 345 45.89 -22.64 15.94
CA SER B 345 47.18 -22.16 15.47
C SER B 345 48.15 -21.91 16.62
N GLY B 346 47.71 -21.17 17.63
CA GLY B 346 48.60 -20.67 18.67
C GLY B 346 49.29 -19.36 18.34
N LYS B 347 49.15 -18.87 17.10
CA LYS B 347 49.77 -17.60 16.69
C LYS B 347 49.03 -16.39 17.26
N GLY B 375 11.46 23.82 20.45
CA GLY B 375 11.26 22.51 21.06
C GLY B 375 12.52 21.91 21.63
N ILE B 376 12.59 20.58 21.69
CA ILE B 376 13.72 19.86 22.24
C ILE B 376 14.67 19.49 21.12
N HIS B 377 15.95 19.77 21.29
CA HIS B 377 16.94 19.32 20.32
C HIS B 377 16.94 17.79 20.29
N PRO B 378 16.79 17.17 19.11
CA PRO B 378 16.68 15.70 19.07
C PRO B 378 17.86 14.99 19.67
N ALA B 379 19.05 15.58 19.63
CA ALA B 379 20.20 14.96 20.27
C ALA B 379 20.00 14.86 21.78
N MET B 380 19.31 15.83 22.39
CA MET B 380 19.01 15.72 23.82
C MET B 380 17.97 14.63 24.07
N VAL B 381 17.03 14.46 23.15
CA VAL B 381 16.04 13.40 23.26
C VAL B 381 16.73 12.05 23.31
N VAL B 382 17.58 11.77 22.33
CA VAL B 382 18.31 10.49 22.28
C VAL B 382 19.15 10.32 23.54
N GLU B 383 19.75 11.42 24.04
CA GLU B 383 20.58 11.32 25.23
C GLU B 383 19.75 10.91 26.44
N ALA B 384 18.57 11.52 26.61
CA ALA B 384 17.70 11.12 27.72
C ALA B 384 17.22 9.69 27.55
N MET B 385 16.97 9.25 26.31
CA MET B 385 16.60 7.85 26.09
C MET B 385 17.72 6.91 26.55
N GLN B 386 18.95 7.24 26.16
CA GLN B 386 20.10 6.44 26.56
C GLN B 386 20.21 6.36 28.09
N ASN B 387 19.88 7.46 28.79
CA ASN B 387 20.04 7.48 30.23
C ASN B 387 18.93 6.74 30.97
N ARG B 388 17.79 6.46 30.32
CA ARG B 388 16.71 5.79 31.04
C ARG B 388 16.36 4.43 30.50
N LEU B 389 16.57 4.17 29.22
CA LEU B 389 16.15 2.91 28.63
C LEU B 389 16.97 1.77 29.21
N PRO B 390 16.34 0.69 29.69
CA PRO B 390 17.11 -0.47 30.14
C PRO B 390 18.05 -0.99 29.04
N ALA B 391 19.12 -1.66 29.47
CA ALA B 391 20.14 -2.11 28.53
C ALA B 391 19.56 -3.07 27.49
N ASP B 392 18.57 -3.87 27.87
CA ASP B 392 18.00 -4.88 26.98
C ASP B 392 16.88 -4.33 26.10
N THR B 393 16.77 -3.01 25.99
CA THR B 393 15.75 -2.38 25.16
C THR B 393 15.98 -2.65 23.67
N ILE B 394 14.92 -2.98 22.96
CA ILE B 394 14.95 -3.12 21.51
C ILE B 394 14.40 -1.82 20.93
N LEU B 395 15.26 -1.08 20.23
CA LEU B 395 14.90 0.21 19.67
C LEU B 395 14.60 0.07 18.17
N PHE B 396 13.38 0.39 17.78
CA PHE B 396 12.95 0.42 16.42
C PHE B 396 13.02 1.88 15.96
N VAL B 397 13.61 2.13 14.82
CA VAL B 397 13.76 3.45 14.31
C VAL B 397 13.18 3.56 12.90
N ASP B 398 12.38 4.59 12.67
CA ASP B 398 11.76 4.82 11.37
C ASP B 398 12.68 5.45 10.32
N ASN B 399 12.06 5.98 9.28
CA ASN B 399 12.73 6.56 8.20
C ASN B 399 12.28 7.98 8.16
N GLY B 400 13.25 8.84 8.17
CA GLY B 400 13.14 10.26 8.26
C GLY B 400 14.39 10.74 8.99
N SER B 401 14.36 11.93 9.53
CA SER B 401 15.50 12.41 10.28
C SER B 401 15.83 11.50 11.45
N CYS B 402 14.89 10.67 11.89
CA CYS B 402 15.19 9.76 12.99
C CYS B 402 16.29 8.76 12.63
N ILE B 403 16.46 8.46 11.33
CA ILE B 403 17.60 7.64 10.89
C ILE B 403 18.90 8.26 11.39
N ASN B 404 19.10 9.54 11.07
CA ASN B 404 20.33 10.21 11.47
C ASN B 404 20.48 10.23 12.99
N TRP B 405 19.41 10.57 13.70
CA TRP B 405 19.53 10.72 15.16
C TRP B 405 19.74 9.37 15.84
N GLY B 406 19.03 8.33 15.41
CA GLY B 406 19.20 7.02 16.02
C GLY B 406 20.55 6.39 15.66
N VAL B 407 20.87 6.38 14.36
CA VAL B 407 22.13 5.77 13.93
C VAL B 407 23.32 6.49 14.54
N HIS B 408 23.29 7.83 14.53
CA HIS B 408 24.46 8.57 14.99
C HIS B 408 24.54 8.66 16.52
N CYS B 409 23.43 9.02 17.18
CA CYS B 409 23.52 9.44 18.58
C CYS B 409 23.23 8.35 19.61
N TYR B 410 22.62 7.24 19.22
CA TYR B 410 22.25 6.18 20.15
C TYR B 410 23.33 5.10 20.19
N LEU B 411 23.74 4.73 21.40
CA LEU B 411 24.78 3.71 21.62
C LEU B 411 24.11 2.36 21.80
N ALA B 412 24.37 1.43 20.87
CA ALA B 412 23.72 0.12 20.87
C ALA B 412 24.69 -0.92 21.44
N GLN B 413 24.41 -1.36 22.66
CA GLN B 413 25.24 -2.33 23.34
C GLN B 413 24.77 -3.77 23.19
N THR B 414 23.47 -3.98 22.97
CA THR B 414 22.91 -5.34 23.00
C THR B 414 22.75 -5.90 21.60
N PRO B 415 23.05 -7.18 21.40
CA PRO B 415 23.05 -7.76 20.05
C PRO B 415 21.65 -7.74 19.45
N GLY B 416 21.56 -7.20 18.25
CA GLY B 416 20.31 -7.16 17.52
C GLY B 416 19.29 -6.18 18.07
N ALA B 417 19.66 -5.35 19.04
CA ALA B 417 18.71 -4.46 19.72
C ALA B 417 18.45 -3.16 18.98
N PHE B 418 19.01 -2.96 17.79
CA PHE B 418 18.75 -1.77 16.98
C PHE B 418 18.11 -2.25 15.69
N GLN B 419 16.83 -1.91 15.51
CA GLN B 419 16.03 -2.43 14.39
C GLN B 419 15.64 -1.28 13.45
N ILE B 420 16.31 -1.18 12.32
CA ILE B 420 16.01 -0.14 11.35
C ILE B 420 15.90 -0.77 9.98
N GLY B 421 14.91 -0.32 9.20
CA GLY B 421 14.67 -0.91 7.89
C GLY B 421 15.34 0.10 6.99
N LEU B 422 16.51 -0.20 6.46
CA LEU B 422 17.16 0.76 5.57
C LEU B 422 17.20 0.18 4.15
N GLY B 423 16.91 -1.10 3.96
CA GLY B 423 16.88 -1.64 2.62
C GLY B 423 15.95 -0.86 1.71
N LEU B 424 14.71 -0.66 2.16
CA LEU B 424 13.76 0.14 1.42
C LEU B 424 13.44 1.47 2.09
N ALA B 425 13.72 1.60 3.39
CA ALA B 425 13.54 2.85 4.11
C ALA B 425 12.13 3.42 3.91
N ALA B 426 11.13 2.56 4.14
CA ALA B 426 9.73 2.95 4.01
C ALA B 426 9.27 3.68 5.27
N MET B 427 8.71 4.88 5.10
CA MET B 427 8.09 5.54 6.24
C MET B 427 6.97 4.67 6.79
N GLY B 428 6.87 4.61 8.11
CA GLY B 428 5.85 3.84 8.77
C GLY B 428 6.26 2.43 9.14
N HIS B 429 7.39 1.95 8.61
CA HIS B 429 7.85 0.60 8.89
C HIS B 429 8.02 0.37 10.39
N ALA B 430 8.85 1.20 11.04
CA ALA B 430 9.07 1.03 12.47
C ALA B 430 7.81 1.24 13.28
N VAL B 431 6.91 2.13 12.84
CA VAL B 431 5.69 2.41 13.63
C VAL B 431 4.94 1.11 13.90
N ALA B 432 4.78 0.29 12.87
CA ALA B 432 4.04 -0.96 13.01
C ALA B 432 4.94 -2.12 13.40
N ALA B 433 6.18 -2.16 12.89
CA ALA B 433 7.04 -3.33 13.13
C ALA B 433 7.36 -3.50 14.61
N ALA B 434 7.36 -2.41 15.39
CA ALA B 434 7.67 -2.52 16.82
C ALA B 434 6.66 -3.40 17.56
N ILE B 435 5.40 -3.38 17.13
CA ILE B 435 4.38 -4.27 17.70
C ILE B 435 4.75 -5.74 17.47
N GLY B 436 5.12 -6.09 16.23
CA GLY B 436 5.63 -7.44 15.98
C GLY B 436 6.86 -7.74 16.81
N GLY B 437 7.77 -6.78 16.94
CA GLY B 437 8.95 -6.99 17.75
C GLY B 437 8.62 -7.30 19.19
N LYS B 438 7.65 -6.58 19.76
CA LYS B 438 7.31 -6.82 21.17
C LYS B 438 6.68 -8.20 21.35
N LEU B 439 5.88 -8.64 20.38
CA LEU B 439 5.30 -9.98 20.47
C LEU B 439 6.39 -11.05 20.42
N ALA B 440 7.49 -10.77 19.69
CA ALA B 440 8.60 -11.70 19.60
C ALA B 440 9.48 -11.68 20.82
N ALA B 441 9.49 -10.59 21.59
CA ALA B 441 10.35 -10.47 22.77
C ALA B 441 9.56 -9.84 23.92
N PRO B 442 8.53 -10.54 24.40
CA PRO B 442 7.61 -9.91 25.37
C PRO B 442 8.27 -9.56 26.68
N ASP B 443 9.40 -10.18 27.01
CA ASP B 443 10.15 -9.89 28.23
C ASP B 443 10.93 -8.59 28.16
N ARG B 444 11.04 -7.97 26.98
CA ARG B 444 11.97 -6.86 26.85
C ARG B 444 11.25 -5.55 26.55
N PRO B 445 11.84 -4.41 26.92
CA PRO B 445 11.27 -3.13 26.53
C PRO B 445 11.39 -2.94 25.02
N VAL B 446 10.34 -2.39 24.41
CA VAL B 446 10.37 -2.10 22.99
C VAL B 446 9.91 -0.66 22.79
N VAL B 447 10.75 0.12 22.13
CA VAL B 447 10.53 1.54 21.91
C VAL B 447 10.74 1.82 20.43
N ALA B 448 9.91 2.68 19.87
CA ALA B 448 10.02 3.07 18.47
C ALA B 448 10.26 4.58 18.41
N LEU B 449 11.29 4.98 17.68
CA LEU B 449 11.61 6.38 17.46
C LEU B 449 11.19 6.72 16.04
N VAL B 450 10.16 7.56 15.90
CA VAL B 450 9.49 7.79 14.62
C VAL B 450 9.19 9.27 14.43
N GLY B 451 9.01 9.67 13.16
CA GLY B 451 8.61 11.03 12.82
C GLY B 451 7.09 11.16 12.73
N ASP B 452 6.62 12.41 12.68
CA ASP B 452 5.17 12.64 12.70
C ASP B 452 4.53 12.29 11.37
N ALA B 453 5.18 12.57 10.24
CA ALA B 453 4.59 12.19 8.96
C ALA B 453 4.58 10.67 8.80
N ALA B 454 5.62 10.00 9.29
CA ALA B 454 5.60 8.54 9.31
C ALA B 454 4.44 8.03 10.14
N PHE B 455 4.20 8.68 11.30
CA PHE B 455 3.11 8.23 12.16
C PHE B 455 1.75 8.42 11.50
N ALA B 456 1.58 9.49 10.72
CA ALA B 456 0.30 9.65 10.04
C ALA B 456 0.07 8.55 9.01
N MET B 457 1.14 7.92 8.54
CA MET B 457 1.02 6.87 7.54
C MET B 457 0.52 5.55 8.14
N ASN B 458 1.00 5.18 9.34
CA ASN B 458 0.71 3.86 9.89
C ASN B 458 0.43 3.91 11.38
N GLY B 459 0.32 5.09 11.99
CA GLY B 459 0.10 5.20 13.42
C GLY B 459 -1.24 4.65 13.91
N MET B 460 -2.21 4.46 13.02
CA MET B 460 -3.46 3.86 13.46
C MET B 460 -3.22 2.51 14.13
N GLU B 461 -2.10 1.84 13.82
CA GLU B 461 -1.84 0.51 14.39
C GLU B 461 -1.63 0.53 15.89
N ILE B 462 -1.39 1.69 16.50
CA ILE B 462 -1.33 1.68 17.96
C ILE B 462 -2.69 1.27 18.54
N HIS B 463 -3.76 1.39 17.76
CA HIS B 463 -5.03 0.81 18.21
C HIS B 463 -4.91 -0.70 18.33
N THR B 464 -4.16 -1.33 17.40
CA THR B 464 -3.93 -2.75 17.49
C THR B 464 -3.18 -3.10 18.78
N ALA B 465 -2.13 -2.32 19.10
CA ALA B 465 -1.43 -2.54 20.35
C ALA B 465 -2.36 -2.37 21.54
N ALA B 466 -3.26 -1.40 21.46
CA ALA B 466 -4.24 -1.22 22.53
C ALA B 466 -5.15 -2.44 22.63
N GLU B 467 -5.62 -2.95 21.48
CA GLU B 467 -6.58 -4.04 21.47
C GLU B 467 -6.00 -5.29 22.15
N TYR B 468 -4.73 -5.62 21.87
CA TYR B 468 -4.10 -6.82 22.39
C TYR B 468 -3.19 -6.55 23.58
N LYS B 469 -3.18 -5.32 24.08
CA LYS B 469 -2.34 -4.95 25.24
C LYS B 469 -0.88 -5.35 25.01
N ILE B 470 -0.33 -4.84 23.91
CA ILE B 470 1.08 -5.07 23.57
C ILE B 470 1.86 -3.82 24.00
N PRO B 471 2.62 -3.88 25.10
CA PRO B 471 3.27 -2.65 25.60
C PRO B 471 4.46 -2.21 24.74
N VAL B 472 4.21 -1.20 23.90
CA VAL B 472 5.23 -0.54 23.09
C VAL B 472 5.14 0.94 23.39
N THR B 473 6.28 1.63 23.40
CA THR B 473 6.33 3.07 23.54
C THR B 473 6.77 3.70 22.21
N TRP B 474 5.91 4.55 21.64
CA TRP B 474 6.25 5.30 20.44
C TRP B 474 6.72 6.68 20.86
N ILE B 475 7.89 7.07 20.39
CA ILE B 475 8.42 8.42 20.58
C ILE B 475 8.31 9.12 19.23
N VAL B 476 7.42 10.10 19.13
CA VAL B 476 7.15 10.79 17.88
C VAL B 476 7.90 12.11 17.91
N LEU B 477 8.88 12.25 17.02
CA LEU B 477 9.57 13.53 16.84
C LEU B 477 8.64 14.42 16.04
N ASN B 478 7.86 15.25 16.73
CA ASN B 478 6.79 16.01 16.09
C ASN B 478 7.37 17.35 15.66
N ASN B 479 7.82 17.43 14.39
CA ASN B 479 8.32 18.70 13.86
C ASN B 479 7.34 19.34 12.87
N GLY B 480 6.08 18.90 12.87
CA GLY B 480 5.04 19.52 12.05
C GLY B 480 5.25 19.43 10.55
N GLY B 481 5.74 18.29 10.06
CA GLY B 481 5.89 18.10 8.63
C GLY B 481 7.07 17.17 8.32
N HIS B 482 7.52 17.26 7.07
CA HIS B 482 8.56 16.40 6.51
C HIS B 482 9.90 17.09 6.66
N GLY B 483 10.58 16.81 7.79
CA GLY B 483 11.86 17.40 8.11
C GLY B 483 12.91 17.30 7.02
N LEU B 484 13.24 16.08 6.60
CA LEU B 484 14.29 15.93 5.59
C LEU B 484 13.90 16.62 4.29
N VAL B 485 12.63 16.52 3.88
CA VAL B 485 12.17 17.25 2.70
C VAL B 485 12.33 18.75 2.92
N HIS B 486 11.89 19.24 4.08
CA HIS B 486 12.05 20.66 4.41
C HIS B 486 13.51 21.10 4.29
N LEU B 487 14.44 20.33 4.87
CA LEU B 487 15.86 20.66 4.75
C LEU B 487 16.34 20.55 3.31
N GLY B 488 15.80 19.62 2.54
CA GLY B 488 16.17 19.53 1.12
C GLY B 488 15.78 20.77 0.33
N GLU B 489 14.58 21.31 0.59
CA GLU B 489 14.17 22.52 -0.11
C GLU B 489 15.14 23.66 0.17
N GLN B 490 15.63 23.74 1.42
CA GLN B 490 16.53 24.82 1.79
C GLN B 490 17.91 24.64 1.16
N HIS B 491 18.45 23.42 1.19
CA HIS B 491 19.84 23.19 0.80
C HIS B 491 20.02 22.91 -0.68
N GLN B 492 19.03 22.30 -1.34
CA GLN B 492 19.14 22.01 -2.76
C GLN B 492 18.30 22.90 -3.66
N PHE B 493 17.22 23.52 -3.14
CA PHE B 493 16.31 24.27 -3.98
C PHE B 493 16.09 25.71 -3.51
N ASP B 494 17.01 26.25 -2.72
CA ASP B 494 17.04 27.67 -2.40
C ASP B 494 15.76 28.15 -1.73
N SER B 495 15.06 27.24 -1.05
CA SER B 495 13.81 27.57 -0.38
C SER B 495 12.79 28.18 -1.33
N LYS B 496 12.79 27.74 -2.60
CA LYS B 496 11.89 28.32 -3.60
C LYS B 496 10.44 27.85 -3.43
N PHE B 497 10.21 26.72 -2.76
CA PHE B 497 8.88 26.20 -2.55
C PHE B 497 8.88 25.41 -1.25
N ASP B 498 7.69 25.15 -0.72
CA ASP B 498 7.54 24.34 0.49
C ASP B 498 6.40 23.34 0.25
N ILE B 499 6.75 22.06 0.23
CA ILE B 499 5.77 20.98 0.12
C ILE B 499 6.00 20.05 1.29
N SER B 500 6.41 20.61 2.44
CA SER B 500 6.88 19.80 3.55
C SER B 500 6.27 20.16 4.91
N SER B 501 5.98 21.44 5.15
CA SER B 501 5.47 21.90 6.44
C SER B 501 3.94 21.84 6.49
N PHE B 502 3.40 21.24 7.54
CA PHE B 502 1.96 21.26 7.75
C PHE B 502 1.53 22.65 8.23
N ARG B 503 0.39 23.12 7.73
CA ARG B 503 -0.12 24.38 8.26
C ARG B 503 -0.60 24.23 9.71
N LYS B 504 -0.92 23.01 10.12
CA LYS B 504 -1.31 22.71 11.49
C LYS B 504 -0.78 21.33 11.86
N SER B 505 0.11 21.27 12.85
CA SER B 505 0.64 20.00 13.33
C SER B 505 -0.48 19.12 13.90
N ILE B 506 -0.28 17.83 13.78
CA ILE B 506 -1.20 16.85 14.34
C ILE B 506 -1.00 16.76 15.85
N ASP B 507 -2.10 16.67 16.60
CA ASP B 507 -2.07 16.51 18.05
C ASP B 507 -2.05 15.02 18.35
N PHE B 508 -0.86 14.45 18.55
CA PHE B 508 -0.73 13.00 18.67
C PHE B 508 -1.24 12.50 20.02
N CYS B 509 -1.23 13.31 21.07
CA CYS B 509 -1.82 12.85 22.32
C CYS B 509 -3.33 12.67 22.18
N LYS B 510 -4.01 13.62 21.54
CA LYS B 510 -5.44 13.45 21.28
C LYS B 510 -5.70 12.27 20.37
N MET B 511 -4.85 12.08 19.35
CA MET B 511 -4.99 10.93 18.48
C MET B 511 -4.80 9.64 19.26
N ALA B 512 -3.79 9.58 20.12
CA ALA B 512 -3.58 8.40 20.94
C ALA B 512 -4.77 8.16 21.87
N GLU B 513 -5.28 9.24 22.47
CA GLU B 513 -6.48 9.13 23.30
C GLU B 513 -7.65 8.55 22.51
N SER B 514 -7.82 8.98 21.25
CA SER B 514 -8.93 8.48 20.47
C SER B 514 -8.80 6.99 20.19
N LEU B 515 -7.58 6.48 20.16
CA LEU B 515 -7.33 5.07 19.94
C LEU B 515 -7.11 4.30 21.23
N GLY B 516 -7.39 4.91 22.39
CA GLY B 516 -7.29 4.24 23.66
C GLY B 516 -5.89 3.98 24.18
N VAL B 517 -4.91 4.81 23.81
CA VAL B 517 -3.52 4.65 24.20
C VAL B 517 -3.12 5.87 25.04
N LYS B 518 -2.48 5.63 26.19
CA LYS B 518 -2.04 6.73 27.05
C LYS B 518 -0.94 7.56 26.36
N SER B 519 -0.95 8.87 26.61
CA SER B 519 -0.07 9.78 25.89
C SER B 519 0.56 10.78 26.84
N TYR B 520 1.74 11.27 26.46
CA TYR B 520 2.39 12.41 27.11
C TYR B 520 2.82 13.39 26.03
N ARG B 521 2.70 14.67 26.32
CA ARG B 521 3.27 15.72 25.49
C ARG B 521 4.56 16.21 26.15
N ALA B 522 5.63 16.33 25.37
CA ALA B 522 6.93 16.72 25.91
C ALA B 522 7.48 17.90 25.13
N GLU B 523 7.70 19.01 25.82
CA GLU B 523 8.26 20.21 25.23
C GLU B 523 9.55 20.63 25.91
N THR B 524 9.88 20.03 27.05
CA THR B 524 11.16 20.17 27.70
C THR B 524 11.74 18.78 27.93
N VAL B 525 13.06 18.68 28.01
CA VAL B 525 13.68 17.37 28.20
C VAL B 525 13.32 16.79 29.56
N GLU B 526 13.01 17.64 30.54
CA GLU B 526 12.52 17.15 31.83
C GLU B 526 11.16 16.47 31.68
N ASP B 527 10.24 17.13 30.97
CA ASP B 527 8.97 16.48 30.69
C ASP B 527 9.17 15.19 29.90
N PHE B 528 10.08 15.19 28.93
CA PHE B 528 10.31 13.97 28.16
C PHE B 528 10.73 12.82 29.05
N ASP B 529 11.73 13.06 29.92
CA ASP B 529 12.23 12.01 30.79
C ASP B 529 11.13 11.48 31.71
N ALA B 530 10.28 12.36 32.23
CA ALA B 530 9.20 11.90 33.09
C ALA B 530 8.20 11.06 32.29
N ALA B 531 7.91 11.47 31.05
CA ALA B 531 7.05 10.66 30.19
C ALA B 531 7.67 9.29 29.91
N LEU B 532 8.94 9.27 29.50
CA LEU B 532 9.60 8.01 29.22
C LEU B 532 9.64 7.13 30.47
N LYS B 533 9.87 7.73 31.63
CA LYS B 533 9.91 6.91 32.84
C LYS B 533 8.51 6.40 33.19
N GLY B 534 7.49 7.23 32.99
CA GLY B 534 6.13 6.73 33.14
C GLY B 534 5.83 5.61 32.14
N ALA B 535 6.19 5.83 30.87
CA ALA B 535 5.86 4.83 29.85
C ALA B 535 6.56 3.50 30.10
N LEU B 536 7.82 3.53 30.54
CA LEU B 536 8.53 2.27 30.76
C LEU B 536 7.87 1.46 31.87
N ALA B 537 7.26 2.13 32.83
CA ALA B 537 6.70 1.47 34.00
C ALA B 537 5.27 0.98 33.78
N MET B 538 4.64 1.25 32.64
CA MET B 538 3.18 1.26 32.70
C MET B 538 2.53 -0.08 32.35
N ASN B 539 3.16 -0.91 31.51
CA ASN B 539 2.56 -2.22 31.16
C ASN B 539 1.48 -2.07 30.09
N THR B 540 1.34 -0.91 29.49
CA THR B 540 0.41 -0.65 28.40
C THR B 540 1.17 0.02 27.28
N PRO B 541 0.59 0.08 26.08
CA PRO B 541 1.15 0.94 25.04
C PRO B 541 1.09 2.40 25.48
N CYS B 542 2.06 3.19 25.02
CA CYS B 542 2.08 4.60 25.37
C CYS B 542 2.73 5.37 24.23
N LEU B 543 2.35 6.63 24.08
CA LEU B 543 2.87 7.49 23.02
C LEU B 543 3.37 8.79 23.64
N ILE B 544 4.51 9.28 23.15
CA ILE B 544 5.12 10.50 23.65
C ILE B 544 5.28 11.46 22.46
N ASP B 545 4.62 12.60 22.53
CA ASP B 545 4.57 13.57 21.44
C ASP B 545 5.65 14.63 21.74
N VAL B 546 6.80 14.52 21.08
CA VAL B 546 7.94 15.39 21.37
C VAL B 546 7.93 16.56 20.39
N GLN B 547 7.92 17.78 20.93
CA GLN B 547 8.01 18.97 20.10
C GLN B 547 9.44 19.13 19.62
N VAL B 548 9.61 19.27 18.30
CA VAL B 548 10.92 19.28 17.68
C VAL B 548 10.94 20.36 16.60
N ASP B 549 12.07 21.05 16.47
CA ASP B 549 12.24 22.12 15.51
C ASP B 549 12.55 21.55 14.12
N ILE B 550 11.73 21.90 13.12
CA ILE B 550 11.86 21.28 11.80
C ILE B 550 13.11 21.74 11.06
N ASP B 551 13.75 22.81 11.50
CA ASP B 551 14.96 23.34 10.87
C ASP B 551 16.25 22.66 11.34
N VAL B 552 16.21 21.85 12.40
CA VAL B 552 17.42 21.20 12.90
C VAL B 552 18.06 20.35 11.81
N LEU B 553 19.36 20.54 11.60
CA LEU B 553 20.08 19.76 10.61
C LEU B 553 20.61 18.49 11.27
N PRO B 554 20.16 17.31 10.88
CA PRO B 554 20.61 16.08 11.54
C PRO B 554 22.02 15.71 11.11
N PRO B 555 22.76 14.98 11.96
CA PRO B 555 24.14 14.59 11.61
C PRO B 555 24.19 13.82 10.30
N GLY B 556 25.18 14.13 9.51
CA GLY B 556 25.41 13.46 8.26
C GLY B 556 24.51 13.83 7.12
N MET B 557 23.58 14.71 7.36
CA MET B 557 22.67 15.09 6.32
C MET B 557 23.33 16.13 5.49
N LYS B 558 24.06 17.03 6.13
CA LYS B 558 24.73 18.10 5.43
C LYS B 558 25.71 17.53 4.46
N GLN B 559 26.50 16.60 4.95
CA GLN B 559 27.49 15.97 4.13
C GLN B 559 26.85 15.11 3.09
N ARG B 560 25.56 14.89 3.19
CA ARG B 560 24.92 13.98 2.28
C ARG B 560 24.14 14.49 1.12
N PHE B 561 23.55 15.68 1.18
CA PHE B 561 22.64 16.17 0.10
C PHE B 561 23.20 16.05 -1.32
N ASP B 562 24.47 16.36 -1.46
CA ASP B 562 25.21 16.29 -2.70
C ASP B 562 24.99 15.06 -3.59
N MET B 563 24.68 13.90 -3.03
CA MET B 563 24.45 12.75 -3.89
C MET B 563 23.21 13.00 -4.74
N LEU B 564 22.14 13.51 -4.14
CA LEU B 564 20.95 13.80 -4.94
C LEU B 564 21.28 14.88 -5.99
N ASN B 565 22.06 15.89 -5.61
CA ASN B 565 22.46 16.94 -6.54
C ASN B 565 23.27 16.33 -7.64
N LYS B 566 24.17 15.42 -7.29
CA LYS B 566 24.96 14.71 -8.26
C LYS B 566 24.07 13.92 -9.15
N SER B 567 23.02 13.33 -8.59
CA SER B 567 22.16 12.53 -9.46
C SER B 567 21.47 13.37 -10.52
N TYR B 568 20.86 14.50 -10.13
CA TYR B 568 20.09 15.31 -11.09
C TYR B 568 20.96 15.66 -12.30
#